data_7KSF
#
_entry.id   7KSF
#
_cell.length_a   228.210
_cell.length_b   52.540
_cell.length_c   75.430
_cell.angle_alpha   90.000
_cell.angle_beta   90.090
_cell.angle_gamma   90.000
#
_symmetry.space_group_name_H-M   'C 1 2 1'
#
loop_
_entity.id
_entity.type
_entity.pdbx_description
1 polymer 'Protease/Reverse transcriptase/ribonuclease H'
2 non-polymer 'CALCIUM ION'
3 water water
#
_entity_poly.entity_id   1
_entity_poly.type   'polypeptide(L)'
_entity_poly.pdbx_seq_one_letter_code
;QLLQPLPAEIKGTKLLAHWASGATITCIPESFLEDEQPIKKTLIKTIHGEKQQNVYYVTFKVKGRKVEAEVIASPYEYIL
LSPTDVPWLTQQPLQLTILVPLQEYQEKILSKTALPEDQKQQLKTLFVKYDNLWQHWENQVGHRKIRPHNIATGDYPPRP
QKQYPINPKAKPSIQIVIDDLLKQGVLTPQNSTMNTPVYPVPKPDGRWRMVLDYREVNKTIPLTAAQNQHSAGILATIVR
QKYKTTLDLANGFWAHPITPESYWLTAFTWQGKQYCWTRLPQGFLNSPALFTADVVDLLKEIPNVQVYVDDIYLSHDDPK
EHVQQLEKVFQILLQAGYVVSLKKSEIGQKTVEFLGFNITKEGRGLTDTFKTKLLNITPPKDLKQLQSILGLLNFARNFI
PNFAELVQPLYNLIASAKGKYIEWSEENTKQLNMVIEALNTASNLEERLPEQRLVIKVNTSPSAGYVRYYNETGKKPIMY
LNYVFSKAELKFSMLEKLLTTMHKALIKAMDLAMGQEILVYSPIVSMTKIQKTPLPERKALPIRWITWMTYLEDPRIQFH
YDKTLPELKHIPDVYTSSQSPVKHPSQYEGVFYTDGSAIKSPDPTKSNNAGMGIVHATYKPEYQVLNQWSIPLGNHTAQM
AEIAAVEFACKKALKIPGPVLVITDSFYVAESANKELPYWKSNGFVNNKKKPLKHISKWKSIAECLSMKPDITIQHEKGH
QPTNTSIHTEGNALADKLATQGSYVVN
;
_entity_poly.pdbx_strand_id   A
#
# COMPACT_ATOMS: atom_id res chain seq x y z
N GLN A 1 23.89 -17.15 0.26
CA GLN A 1 22.70 -17.43 1.06
C GLN A 1 22.79 -16.76 2.42
N LEU A 2 22.59 -17.55 3.47
CA LEU A 2 22.68 -17.06 4.85
C LEU A 2 24.11 -16.89 5.33
N LEU A 3 25.09 -17.34 4.56
CA LEU A 3 26.49 -17.22 4.94
C LEU A 3 27.10 -16.00 4.27
N GLN A 4 27.89 -15.26 5.04
CA GLN A 4 28.48 -14.04 4.54
C GLN A 4 29.47 -14.36 3.41
N PRO A 5 29.37 -13.70 2.27
CA PRO A 5 30.35 -13.92 1.20
C PRO A 5 31.72 -13.44 1.61
N LEU A 6 32.74 -14.08 1.04
CA LEU A 6 34.12 -13.83 1.41
C LEU A 6 34.88 -13.26 0.23
N PRO A 7 35.57 -12.12 0.40
CA PRO A 7 36.32 -11.56 -0.72
C PRO A 7 37.50 -12.45 -1.10
N ALA A 8 37.70 -12.62 -2.40
CA ALA A 8 38.73 -13.52 -2.89
C ALA A 8 39.19 -13.08 -4.27
N GLU A 9 40.48 -13.26 -4.54
CA GLU A 9 41.06 -13.00 -5.85
C GLU A 9 41.68 -14.28 -6.38
N ILE A 10 41.37 -14.65 -7.62
CA ILE A 10 41.86 -15.88 -8.24
C ILE A 10 42.95 -15.58 -9.26
N LYS A 11 42.63 -14.84 -10.33
CA LYS A 11 43.60 -14.44 -11.35
C LYS A 11 43.52 -12.91 -11.53
N GLY A 12 43.93 -12.17 -10.49
CA GLY A 12 43.91 -10.73 -10.55
C GLY A 12 42.53 -10.14 -10.30
N THR A 13 41.52 -10.69 -10.95
CA THR A 13 40.16 -10.18 -10.82
C THR A 13 39.58 -10.62 -9.49
N LYS A 14 39.08 -9.65 -8.71
CA LYS A 14 38.46 -9.98 -7.44
C LYS A 14 37.17 -10.76 -7.65
N LEU A 15 36.84 -11.61 -6.70
CA LEU A 15 35.62 -12.42 -6.77
C LEU A 15 35.16 -12.70 -5.34
N LEU A 16 34.15 -13.55 -5.21
CA LEU A 16 33.59 -13.90 -3.92
C LEU A 16 33.52 -15.41 -3.79
N ALA A 17 33.78 -15.90 -2.58
CA ALA A 17 33.71 -17.32 -2.27
C ALA A 17 32.63 -17.55 -1.22
N HIS A 18 31.98 -18.70 -1.30
CA HIS A 18 30.92 -19.05 -0.36
C HIS A 18 31.23 -20.39 0.28
N TRP A 19 31.34 -20.40 1.61
CA TRP A 19 31.59 -21.62 2.36
C TRP A 19 30.46 -22.61 2.13
N ALA A 20 30.80 -23.76 1.55
CA ALA A 20 29.81 -24.79 1.26
C ALA A 20 29.84 -25.87 2.34
N SER A 21 28.72 -26.55 2.51
CA SER A 21 28.61 -27.63 3.49
C SER A 21 28.75 -29.01 2.88
N GLY A 22 28.45 -29.16 1.59
CA GLY A 22 28.62 -30.44 0.94
C GLY A 22 30.08 -30.85 0.87
N ALA A 23 30.31 -32.16 0.87
CA ALA A 23 31.67 -32.69 0.81
C ALA A 23 32.28 -32.61 -0.58
N THR A 24 31.52 -32.19 -1.59
CA THR A 24 32.04 -32.06 -2.93
C THR A 24 33.16 -31.00 -2.97
N ILE A 25 33.99 -31.10 -4.00
CA ILE A 25 35.18 -30.26 -4.11
C ILE A 25 34.80 -28.86 -4.53
N THR A 26 35.79 -27.97 -4.59
CA THR A 26 35.53 -26.56 -4.84
C THR A 26 35.22 -26.32 -6.31
N CYS A 27 34.14 -25.60 -6.57
CA CYS A 27 33.78 -25.17 -7.91
C CYS A 27 34.38 -23.80 -8.21
N ILE A 28 34.62 -23.56 -9.49
CA ILE A 28 35.25 -22.31 -9.92
C ILE A 28 34.54 -21.85 -11.20
N PRO A 29 34.29 -20.55 -11.37
CA PRO A 29 33.72 -20.07 -12.64
C PRO A 29 34.47 -20.61 -13.84
N GLU A 30 33.71 -20.98 -14.88
CA GLU A 30 34.25 -21.73 -16.01
C GLU A 30 35.33 -20.94 -16.76
N SER A 31 35.21 -19.61 -16.81
CA SER A 31 36.08 -18.82 -17.69
C SER A 31 37.53 -18.80 -17.24
N PHE A 32 37.83 -19.26 -16.03
CA PHE A 32 39.21 -19.30 -15.55
C PHE A 32 39.90 -20.64 -15.77
N LEU A 33 39.15 -21.70 -16.07
CA LEU A 33 39.70 -23.03 -16.17
C LEU A 33 39.94 -23.48 -17.62
N GLU A 34 39.86 -22.55 -18.58
CA GLU A 34 40.12 -22.91 -19.97
C GLU A 34 41.61 -23.10 -20.22
N ASP A 35 42.43 -22.11 -19.82
CA ASP A 35 43.87 -22.20 -20.02
C ASP A 35 44.49 -23.33 -19.22
N GLU A 36 43.93 -23.66 -18.05
CA GLU A 36 44.53 -24.63 -17.18
C GLU A 36 44.39 -26.04 -17.73
N GLN A 37 45.40 -26.88 -17.48
CA GLN A 37 45.42 -28.24 -17.96
C GLN A 37 44.70 -29.18 -16.99
N PRO A 38 43.98 -30.18 -17.51
CA PRO A 38 43.20 -31.05 -16.63
C PRO A 38 44.02 -32.21 -16.08
N ILE A 39 43.88 -32.46 -14.77
CA ILE A 39 44.57 -33.59 -14.16
C ILE A 39 43.93 -34.90 -14.58
N LYS A 40 42.62 -35.02 -14.40
CA LYS A 40 41.88 -36.21 -14.79
C LYS A 40 40.43 -35.80 -15.05
N LYS A 41 39.59 -36.79 -15.34
CA LYS A 41 38.20 -36.54 -15.69
C LYS A 41 37.31 -37.45 -14.87
N THR A 42 36.39 -36.86 -14.10
CA THR A 42 35.46 -37.59 -13.26
C THR A 42 34.03 -37.22 -13.62
N LEU A 43 33.13 -38.17 -13.38
CA LEU A 43 31.68 -38.00 -13.64
C LEU A 43 30.96 -37.76 -12.31
N ILE A 44 29.88 -36.98 -12.34
CA ILE A 44 29.10 -36.65 -11.16
C ILE A 44 27.63 -36.94 -11.44
N LYS A 45 26.96 -37.61 -10.49
CA LYS A 45 25.54 -37.90 -10.65
C LYS A 45 24.70 -36.63 -10.56
N THR A 46 24.78 -35.93 -9.43
CA THR A 46 24.04 -34.70 -9.23
C THR A 46 24.94 -33.51 -9.56
N GLU A 50 25.67 -39.78 -15.85
CA GLU A 50 26.37 -38.74 -15.03
C GLU A 50 27.40 -38.02 -15.89
N LYS A 51 27.22 -36.71 -16.08
CA LYS A 51 28.14 -35.91 -16.88
C LYS A 51 29.53 -35.89 -16.26
N GLN A 52 30.55 -35.93 -17.10
CA GLN A 52 31.94 -35.89 -16.66
C GLN A 52 32.57 -34.56 -17.05
N GLN A 53 33.38 -34.01 -16.16
CA GLN A 53 34.01 -32.71 -16.35
C GLN A 53 35.49 -32.81 -15.97
N ASN A 54 36.29 -31.92 -16.54
CA ASN A 54 37.72 -31.91 -16.28
C ASN A 54 38.02 -31.43 -14.86
N VAL A 55 39.13 -31.91 -14.32
CA VAL A 55 39.57 -31.60 -12.97
C VAL A 55 40.93 -30.93 -13.04
N TYR A 56 41.10 -29.86 -12.27
CA TYR A 56 42.34 -29.08 -12.29
C TYR A 56 42.91 -28.93 -10.88
N TYR A 57 43.91 -28.06 -10.75
CA TYR A 57 44.50 -27.73 -9.44
C TYR A 57 45.11 -26.35 -9.56
N VAL A 58 44.44 -25.34 -9.00
CA VAL A 58 44.81 -23.95 -9.17
C VAL A 58 45.02 -23.32 -7.79
N THR A 59 45.67 -22.15 -7.81
CA THR A 59 45.94 -21.39 -6.60
C THR A 59 45.22 -20.05 -6.67
N PHE A 60 44.68 -19.62 -5.53
CA PHE A 60 43.92 -18.39 -5.45
C PHE A 60 43.99 -17.85 -4.03
N LYS A 61 43.73 -16.55 -3.90
CA LYS A 61 43.76 -15.88 -2.61
C LYS A 61 42.36 -15.86 -1.99
N VAL A 62 42.30 -16.12 -0.69
CA VAL A 62 41.09 -15.97 0.10
C VAL A 62 41.41 -15.00 1.23
N LYS A 63 40.80 -13.82 1.19
CA LYS A 63 41.07 -12.74 2.14
C LYS A 63 42.54 -12.34 2.13
N GLY A 64 43.23 -12.57 1.01
CA GLY A 64 44.64 -12.24 0.88
C GLY A 64 45.59 -13.42 1.02
N ARG A 65 45.15 -14.54 1.57
CA ARG A 65 45.99 -15.72 1.75
C ARG A 65 45.74 -16.70 0.61
N LYS A 66 46.82 -17.20 0.00
CA LYS A 66 46.69 -18.12 -1.11
C LYS A 66 46.16 -19.48 -0.64
N VAL A 67 45.45 -20.15 -1.54
CA VAL A 67 44.86 -21.46 -1.28
C VAL A 67 45.05 -22.33 -2.51
N GLU A 68 45.52 -23.55 -2.30
CA GLU A 68 45.67 -24.54 -3.37
C GLU A 68 44.63 -25.64 -3.16
N ALA A 69 43.91 -25.98 -4.22
CA ALA A 69 42.85 -26.96 -4.08
C ALA A 69 42.56 -27.60 -5.44
N GLU A 70 42.03 -28.83 -5.38
CA GLU A 70 41.53 -29.53 -6.55
C GLU A 70 40.13 -29.05 -6.85
N VAL A 71 39.90 -28.55 -8.07
CA VAL A 71 38.67 -27.84 -8.40
C VAL A 71 38.08 -28.38 -9.70
N ILE A 72 36.78 -28.13 -9.86
CA ILE A 72 36.07 -28.35 -11.12
C ILE A 72 35.55 -26.99 -11.58
N ALA A 73 34.70 -27.00 -12.61
CA ALA A 73 34.14 -25.78 -13.16
C ALA A 73 32.81 -25.45 -12.50
N SER A 74 32.31 -24.24 -12.78
CA SER A 74 31.05 -23.76 -12.25
C SER A 74 30.44 -22.79 -13.24
N PRO A 75 29.20 -23.01 -13.69
CA PRO A 75 28.55 -22.03 -14.56
C PRO A 75 28.17 -20.75 -13.84
N TYR A 76 28.43 -20.63 -12.55
CA TYR A 76 28.02 -19.47 -11.77
C TYR A 76 29.16 -18.46 -11.71
N GLU A 77 28.86 -17.29 -11.12
CA GLU A 77 29.82 -16.22 -10.98
C GLU A 77 30.51 -16.21 -9.62
N TYR A 78 30.10 -17.07 -8.69
CA TYR A 78 30.71 -17.15 -7.38
C TYR A 78 31.55 -18.43 -7.28
N ILE A 79 32.45 -18.44 -6.29
CA ILE A 79 33.32 -19.58 -6.04
C ILE A 79 32.68 -20.40 -4.91
N LEU A 80 32.04 -21.50 -5.28
CA LEU A 80 31.53 -22.44 -4.28
C LEU A 80 32.70 -23.10 -3.59
N LEU A 81 32.93 -22.74 -2.33
CA LEU A 81 34.15 -23.10 -1.63
C LEU A 81 33.92 -24.35 -0.78
N SER A 82 34.68 -25.41 -1.06
CA SER A 82 34.59 -26.61 -0.26
C SER A 82 35.16 -26.34 1.13
N PRO A 83 34.51 -26.86 2.19
CA PRO A 83 34.98 -26.57 3.55
C PRO A 83 36.32 -27.17 3.87
N THR A 84 36.67 -28.28 3.19
CA THR A 84 37.92 -28.98 3.49
C THR A 84 39.14 -28.18 3.05
N ASP A 85 39.08 -27.61 1.85
CA ASP A 85 40.25 -26.92 1.30
C ASP A 85 40.68 -25.75 2.17
N VAL A 86 39.76 -25.20 2.94
CA VAL A 86 40.08 -24.05 3.81
C VAL A 86 39.80 -24.46 5.25
N PRO A 87 40.75 -25.13 5.91
CA PRO A 87 40.51 -25.58 7.29
C PRO A 87 40.63 -24.44 8.30
N TRP A 88 41.44 -23.44 7.99
CA TRP A 88 41.62 -22.32 8.92
C TRP A 88 40.37 -21.46 8.98
N LEU A 89 39.87 -21.01 7.83
CA LEU A 89 38.69 -20.17 7.80
C LEU A 89 37.46 -20.96 8.20
N THR A 90 36.67 -20.40 9.12
CA THR A 90 35.46 -21.03 9.60
C THR A 90 34.25 -20.33 9.03
N GLN A 91 33.11 -21.03 9.05
CA GLN A 91 31.87 -20.47 8.56
C GLN A 91 31.28 -19.51 9.61
N GLN A 92 30.87 -18.33 9.15
CA GLN A 92 30.21 -17.36 10.00
C GLN A 92 28.95 -16.84 9.31
N PRO A 93 27.89 -16.56 10.07
CA PRO A 93 26.66 -16.05 9.45
C PRO A 93 26.86 -14.67 8.85
N LEU A 94 25.93 -14.28 8.01
CA LEU A 94 25.97 -12.95 7.40
C LEU A 94 25.60 -11.90 8.44
N GLN A 95 26.35 -10.80 8.46
CA GLN A 95 26.12 -9.72 9.40
C GLN A 95 26.20 -8.41 8.64
N LEU A 96 25.05 -7.74 8.48
CA LEU A 96 24.99 -6.48 7.77
C LEU A 96 24.73 -5.39 8.83
N THR A 97 24.31 -4.12 8.37
CA THR A 97 24.41 -2.93 9.19
C THR A 97 23.29 -2.85 10.23
N ILE A 98 22.05 -2.75 9.77
CA ILE A 98 20.90 -2.48 10.64
C ILE A 98 20.04 -3.73 10.71
N LEU A 99 19.66 -4.12 11.93
CA LEU A 99 18.74 -5.22 12.15
C LEU A 99 17.32 -4.67 12.19
N VAL A 100 16.42 -5.27 11.42
CA VAL A 100 15.05 -4.79 11.32
C VAL A 100 14.30 -5.16 12.60
N PRO A 101 13.28 -4.41 12.99
CA PRO A 101 12.47 -4.80 14.15
C PRO A 101 11.56 -5.97 13.83
N LEU A 102 12.14 -7.18 13.77
CA LEU A 102 11.38 -8.33 13.33
C LEU A 102 10.32 -8.74 14.33
N GLN A 103 10.53 -8.48 15.62
CA GLN A 103 9.56 -8.86 16.63
C GLN A 103 8.34 -7.94 16.62
N GLU A 104 8.54 -6.65 16.35
CA GLU A 104 7.39 -5.77 16.20
C GLU A 104 6.60 -6.11 14.94
N TYR A 105 7.27 -6.61 13.91
CA TYR A 105 6.57 -7.02 12.69
C TYR A 105 5.70 -8.25 12.97
N GLN A 106 6.27 -9.28 13.59
CA GLN A 106 5.52 -10.51 13.81
C GLN A 106 4.37 -10.29 14.79
N GLU A 107 4.61 -9.54 15.87
CA GLU A 107 3.52 -9.21 16.79
C GLU A 107 2.43 -8.42 16.09
N LYS A 108 2.81 -7.59 15.11
CA LYS A 108 1.81 -6.83 14.37
C LYS A 108 0.98 -7.74 13.47
N ILE A 109 1.62 -8.73 12.84
CA ILE A 109 0.89 -9.65 11.98
C ILE A 109 0.03 -10.59 12.80
N LEU A 110 0.52 -11.01 13.98
CA LEU A 110 -0.29 -11.85 14.85
C LEU A 110 -1.50 -11.10 15.40
N SER A 111 -1.38 -9.79 15.59
CA SER A 111 -2.50 -9.01 16.11
C SER A 111 -3.66 -8.96 15.11
N LYS A 112 -3.36 -8.58 13.88
CA LYS A 112 -4.40 -8.36 12.87
C LYS A 112 -4.85 -9.63 12.16
N THR A 113 -4.33 -10.79 12.54
CA THR A 113 -4.68 -12.02 11.85
C THR A 113 -6.11 -12.43 12.19
N ALA A 114 -6.89 -12.77 11.17
CA ALA A 114 -8.28 -13.18 11.32
C ALA A 114 -8.43 -14.69 11.46
N LEU A 115 -7.32 -15.43 11.62
CA LEU A 115 -7.38 -16.86 11.77
C LEU A 115 -7.81 -17.24 13.19
N PRO A 116 -8.41 -18.42 13.36
CA PRO A 116 -8.71 -18.90 14.71
C PRO A 116 -7.43 -19.08 15.52
N GLU A 117 -7.59 -19.04 16.84
CA GLU A 117 -6.45 -19.21 17.74
C GLU A 117 -5.77 -20.55 17.53
N ASP A 118 -6.50 -21.55 17.05
CA ASP A 118 -5.92 -22.85 16.76
C ASP A 118 -4.85 -22.74 15.68
N GLN A 119 -5.21 -22.19 14.52
CA GLN A 119 -4.21 -21.97 13.47
C GLN A 119 -3.31 -20.79 13.81
N LYS A 120 -3.77 -19.84 14.61
CA LYS A 120 -2.96 -18.70 14.98
C LYS A 120 -1.68 -19.12 15.69
N GLN A 121 -1.73 -20.21 16.45
CA GLN A 121 -0.53 -20.70 17.09
C GLN A 121 0.36 -21.48 16.12
N GLN A 122 -0.22 -22.05 15.07
CA GLN A 122 0.60 -22.67 14.02
C GLN A 122 1.46 -21.64 13.34
N LEU A 123 0.89 -20.46 13.06
CA LEU A 123 1.65 -19.39 12.42
C LEU A 123 2.76 -18.89 13.33
N LYS A 124 2.44 -18.67 14.60
CA LYS A 124 3.46 -18.25 15.57
C LYS A 124 4.59 -19.27 15.63
N THR A 125 4.30 -20.53 15.32
CA THR A 125 5.33 -21.55 15.19
C THR A 125 6.03 -21.48 13.84
N LEU A 126 5.30 -21.11 12.79
CA LEU A 126 5.92 -20.99 11.47
C LEU A 126 6.88 -19.81 11.38
N PHE A 127 6.77 -18.83 12.27
CA PHE A 127 7.77 -17.76 12.30
C PHE A 127 9.16 -18.32 12.60
N VAL A 128 9.23 -19.36 13.41
CA VAL A 128 10.51 -19.89 13.86
C VAL A 128 11.06 -20.94 12.91
N LYS A 129 10.21 -21.85 12.44
CA LYS A 129 10.66 -22.89 11.53
C LYS A 129 11.23 -22.31 10.24
N TYR A 130 10.62 -21.23 9.74
CA TYR A 130 11.14 -20.55 8.57
C TYR A 130 11.66 -19.17 8.95
N ASP A 131 12.53 -19.12 9.97
CA ASP A 131 13.12 -17.85 10.39
C ASP A 131 14.07 -17.32 9.33
N ASN A 132 14.79 -18.21 8.65
CA ASN A 132 15.72 -17.81 7.60
C ASN A 132 15.01 -17.23 6.38
N LEU A 133 13.70 -17.39 6.29
CA LEU A 133 12.96 -16.84 5.16
C LEU A 133 12.69 -15.35 5.34
N TRP A 134 12.37 -14.93 6.55
CA TRP A 134 12.06 -13.52 6.81
C TRP A 134 13.32 -12.67 6.66
N GLN A 135 13.10 -11.39 6.37
CA GLN A 135 14.22 -10.45 6.27
C GLN A 135 14.60 -10.00 7.68
N HIS A 136 15.85 -10.24 8.05
CA HIS A 136 16.37 -9.83 9.34
C HIS A 136 17.16 -8.54 9.28
N TRP A 137 17.99 -8.35 8.26
CA TRP A 137 18.80 -7.15 8.12
C TRP A 137 18.18 -6.22 7.09
N GLU A 138 18.34 -4.92 7.28
CA GLU A 138 17.97 -3.97 6.25
C GLU A 138 18.87 -4.16 5.03
N ASN A 139 18.38 -4.04 3.91
CA ASN A 139 19.06 -4.23 2.63
C ASN A 139 19.56 -5.65 2.44
N GLN A 140 19.04 -6.59 3.22
CA GLN A 140 19.39 -7.99 3.06
C GLN A 140 18.72 -8.57 1.83
N VAL A 141 19.51 -9.28 1.01
CA VAL A 141 19.02 -9.91 -0.21
C VAL A 141 19.43 -11.38 -0.18
N GLY A 142 18.72 -12.17 -0.98
CA GLY A 142 18.97 -13.60 -1.08
C GLY A 142 19.59 -13.98 -2.42
N HIS A 143 20.31 -15.09 -2.44
CA HIS A 143 20.89 -15.62 -3.65
C HIS A 143 19.96 -16.65 -4.28
N ARG A 144 19.82 -16.58 -5.60
CA ARG A 144 18.94 -17.46 -6.36
C ARG A 144 19.78 -18.35 -7.25
N LYS A 145 19.83 -19.64 -6.93
CA LYS A 145 20.62 -20.61 -7.70
C LYS A 145 19.95 -20.84 -9.05
N ILE A 146 20.16 -19.90 -9.97
CA ILE A 146 19.56 -19.94 -11.29
C ILE A 146 20.62 -19.54 -12.31
N ARG A 147 20.38 -19.94 -13.56
CA ARG A 147 21.26 -19.56 -14.65
C ARG A 147 21.27 -18.04 -14.79
N PRO A 148 22.42 -17.38 -14.69
CA PRO A 148 22.44 -15.91 -14.74
C PRO A 148 21.86 -15.36 -16.03
N HIS A 149 21.19 -14.23 -15.91
CA HIS A 149 20.50 -13.61 -17.04
C HIS A 149 21.47 -12.83 -17.92
N ASN A 150 21.17 -12.78 -19.21
CA ASN A 150 21.90 -11.95 -20.16
C ASN A 150 20.98 -10.81 -20.58
N ILE A 151 21.35 -9.59 -20.21
CA ILE A 151 20.55 -8.41 -20.52
C ILE A 151 21.26 -7.51 -21.54
N ALA A 152 22.22 -8.07 -22.28
CA ALA A 152 22.98 -7.30 -23.26
C ALA A 152 22.37 -7.44 -24.66
N THR A 153 21.05 -7.29 -24.75
CA THR A 153 20.34 -7.35 -26.02
C THR A 153 20.35 -5.98 -26.68
N GLY A 154 20.58 -5.96 -27.99
CA GLY A 154 20.68 -4.72 -28.74
C GLY A 154 22.11 -4.43 -29.12
N ASP A 155 22.36 -4.20 -30.42
CA ASP A 155 23.72 -4.00 -30.89
C ASP A 155 24.21 -2.57 -30.66
N TYR A 156 23.30 -1.60 -30.64
CA TYR A 156 23.69 -0.20 -30.48
C TYR A 156 23.56 0.20 -29.03
N PRO A 157 24.65 0.36 -28.29
CA PRO A 157 24.56 0.66 -26.86
C PRO A 157 24.16 2.10 -26.63
N PRO A 158 23.63 2.41 -25.45
CA PRO A 158 23.23 3.79 -25.14
C PRO A 158 24.44 4.63 -24.74
N ARG A 159 24.17 5.94 -24.53
CA ARG A 159 25.24 6.87 -24.21
C ARG A 159 25.34 7.11 -22.71
N PRO A 160 26.55 7.18 -22.17
CA PRO A 160 26.71 7.39 -20.72
C PRO A 160 26.20 8.76 -20.30
N GLN A 161 25.49 8.78 -19.17
CA GLN A 161 24.96 10.02 -18.63
C GLN A 161 25.92 10.58 -17.59
N LYS A 162 26.13 11.89 -17.64
CA LYS A 162 26.92 12.55 -16.62
C LYS A 162 26.14 12.60 -15.32
N GLN A 163 26.85 12.39 -14.21
CA GLN A 163 26.25 12.34 -12.87
C GLN A 163 26.38 13.71 -12.22
N TYR A 164 25.24 14.37 -11.99
CA TYR A 164 25.24 15.65 -11.34
C TYR A 164 25.33 15.49 -9.82
N PRO A 165 25.89 16.46 -9.11
CA PRO A 165 25.95 16.38 -7.65
C PRO A 165 24.53 16.18 -7.16
N ILE A 166 24.40 15.52 -6.01
CA ILE A 166 23.09 15.19 -5.46
C ILE A 166 23.04 15.82 -4.09
N ASN A 167 21.95 15.60 -3.37
CA ASN A 167 21.76 16.18 -2.05
C ASN A 167 22.66 15.49 -1.03
N PRO A 168 23.53 16.22 -0.32
CA PRO A 168 24.38 15.57 0.68
C PRO A 168 23.63 15.12 1.92
N LYS A 169 22.41 15.60 2.16
CA LYS A 169 21.64 15.13 3.30
C LYS A 169 21.20 13.68 3.13
N ALA A 170 21.23 13.15 1.90
CA ALA A 170 20.86 11.78 1.62
C ALA A 170 22.06 10.84 1.57
N LYS A 171 23.28 11.37 1.41
CA LYS A 171 24.47 10.53 1.31
C LYS A 171 24.66 9.57 2.48
N PRO A 172 24.52 9.98 3.75
CA PRO A 172 24.79 9.03 4.84
C PRO A 172 23.90 7.80 4.84
N SER A 173 22.59 7.99 4.66
CA SER A 173 21.66 6.87 4.68
C SER A 173 21.82 5.97 3.46
N ILE A 174 22.35 6.50 2.37
CA ILE A 174 22.51 5.70 1.14
C ILE A 174 23.84 4.96 1.13
N GLN A 175 24.91 5.56 1.67
CA GLN A 175 26.19 4.89 1.70
C GLN A 175 26.13 3.58 2.49
N ILE A 176 25.21 3.49 3.45
CA ILE A 176 24.98 2.22 4.16
C ILE A 176 24.53 1.15 3.18
N VAL A 177 23.54 1.48 2.34
CA VAL A 177 23.05 0.53 1.36
C VAL A 177 24.14 0.15 0.38
N ILE A 178 24.94 1.13 -0.05
CA ILE A 178 26.08 0.84 -0.92
C ILE A 178 27.03 -0.15 -0.24
N ASP A 179 27.30 0.05 1.05
CA ASP A 179 28.20 -0.85 1.76
C ASP A 179 27.61 -2.25 1.87
N ASP A 180 26.33 -2.35 2.23
CA ASP A 180 25.71 -3.66 2.42
C ASP A 180 25.68 -4.46 1.12
N LEU A 181 25.29 -3.82 0.03
CA LEU A 181 25.24 -4.51 -1.26
C LEU A 181 26.64 -4.90 -1.74
N LEU A 182 27.61 -4.00 -1.56
CA LEU A 182 29.00 -4.36 -1.82
C LEU A 182 29.42 -5.53 -0.95
N LYS A 183 28.99 -5.52 0.32
CA LYS A 183 29.35 -6.59 1.23
C LYS A 183 28.73 -7.92 0.79
N GLN A 184 27.49 -7.87 0.30
CA GLN A 184 26.83 -9.04 -0.25
C GLN A 184 27.24 -9.34 -1.68
N GLY A 185 28.05 -8.48 -2.29
CA GLY A 185 28.44 -8.67 -3.67
C GLY A 185 27.39 -8.30 -4.68
N VAL A 186 26.29 -7.68 -4.25
CA VAL A 186 25.29 -7.22 -5.21
C VAL A 186 25.88 -6.15 -6.11
N LEU A 187 26.76 -5.30 -5.57
CA LEU A 187 27.47 -4.30 -6.34
C LEU A 187 28.94 -4.68 -6.45
N THR A 188 29.50 -4.48 -7.64
CA THR A 188 30.90 -4.74 -7.87
C THR A 188 31.58 -3.49 -8.43
N PRO A 189 32.76 -3.14 -7.92
CA PRO A 189 33.48 -1.98 -8.46
C PRO A 189 34.06 -2.31 -9.83
N GLN A 190 33.58 -1.61 -10.85
CA GLN A 190 34.01 -1.87 -12.22
C GLN A 190 33.66 -0.68 -13.09
N ASN A 191 34.65 -0.15 -13.80
CA ASN A 191 34.40 0.88 -14.79
C ASN A 191 33.62 0.32 -15.96
N SER A 192 33.01 1.21 -16.72
CA SER A 192 32.15 0.78 -17.82
C SER A 192 31.98 1.94 -18.79
N THR A 193 31.40 1.61 -19.95
CA THR A 193 31.10 2.64 -20.94
C THR A 193 29.84 3.41 -20.57
N MET A 194 28.82 2.71 -20.09
CA MET A 194 27.55 3.33 -19.76
C MET A 194 27.55 3.84 -18.33
N ASN A 195 26.86 4.96 -18.10
CA ASN A 195 26.66 5.49 -16.77
C ASN A 195 25.21 5.95 -16.64
N THR A 196 24.64 5.74 -15.46
CA THR A 196 23.24 6.02 -15.19
C THR A 196 23.10 7.05 -14.08
N PRO A 197 22.23 8.05 -14.25
CA PRO A 197 22.03 9.03 -13.18
C PRO A 197 21.37 8.38 -11.97
N VAL A 198 21.73 8.87 -10.79
CA VAL A 198 21.19 8.40 -9.53
C VAL A 198 20.52 9.57 -8.83
N TYR A 199 19.35 9.30 -8.23
CA TYR A 199 18.55 10.31 -7.57
C TYR A 199 18.18 9.85 -6.16
N PRO A 200 18.15 10.76 -5.19
CA PRO A 200 17.70 10.38 -3.85
C PRO A 200 16.29 10.86 -3.53
N VAL A 201 15.51 10.02 -2.87
CA VAL A 201 14.16 10.39 -2.45
C VAL A 201 14.00 10.06 -0.96
N PRO A 202 13.26 10.86 -0.20
CA PRO A 202 13.15 10.61 1.24
C PRO A 202 12.26 9.41 1.54
N LYS A 203 12.42 8.91 2.76
CA LYS A 203 11.62 7.84 3.35
C LYS A 203 10.90 8.37 4.59
N PRO A 204 9.66 7.91 4.85
CA PRO A 204 8.90 8.41 6.00
C PRO A 204 9.63 8.37 7.34
N ASP A 205 10.63 7.50 7.48
CA ASP A 205 11.38 7.40 8.72
C ASP A 205 12.43 8.48 8.86
N GLY A 206 12.63 9.31 7.83
CA GLY A 206 13.59 10.38 7.85
C GLY A 206 14.79 10.13 6.94
N ARG A 207 15.11 8.87 6.66
CA ARG A 207 16.25 8.53 5.84
C ARG A 207 15.89 8.66 4.36
N TRP A 208 16.79 8.24 3.49
CA TRP A 208 16.64 8.41 2.06
C TRP A 208 17.01 7.13 1.33
N ARG A 209 16.34 6.89 0.21
CA ARG A 209 16.64 5.76 -0.66
C ARG A 209 16.99 6.29 -2.05
N MET A 210 17.93 5.61 -2.71
CA MET A 210 18.41 6.06 -4.01
C MET A 210 17.52 5.50 -5.13
N VAL A 211 17.50 6.23 -6.25
CA VAL A 211 16.71 5.86 -7.41
C VAL A 211 17.57 6.01 -8.65
N LEU A 212 17.58 5.01 -9.51
CA LEU A 212 18.34 5.03 -10.74
C LEU A 212 17.45 5.41 -11.92
N ASP A 213 18.01 6.17 -12.85
CA ASP A 213 17.28 6.65 -14.03
C ASP A 213 17.71 5.80 -15.21
N TYR A 214 16.99 4.69 -15.41
CA TYR A 214 17.35 3.68 -16.40
C TYR A 214 16.60 3.82 -17.72
N ARG A 215 15.83 4.90 -17.90
CA ARG A 215 15.06 5.05 -19.13
C ARG A 215 15.96 5.28 -20.35
N GLU A 216 17.24 5.61 -20.14
CA GLU A 216 18.16 5.74 -21.26
C GLU A 216 18.61 4.38 -21.77
N VAL A 217 18.75 3.40 -20.85
CA VAL A 217 19.12 2.06 -21.27
C VAL A 217 17.91 1.30 -21.82
N ASN A 218 16.72 1.60 -21.31
CA ASN A 218 15.53 0.85 -21.71
C ASN A 218 15.15 1.14 -23.16
N LYS A 219 15.40 2.36 -23.64
CA LYS A 219 15.17 2.67 -25.05
C LYS A 219 16.07 1.84 -25.96
N THR A 220 17.21 1.38 -25.45
CA THR A 220 18.12 0.55 -26.23
C THR A 220 17.71 -0.91 -26.21
N ILE A 221 17.48 -1.43 -25.01
CA ILE A 221 17.07 -2.86 -24.82
C ILE A 221 15.66 -3.05 -25.40
N PRO A 222 15.46 -3.96 -26.39
CA PRO A 222 14.13 -4.19 -26.97
C PRO A 222 13.30 -5.13 -26.08
N LEU A 223 11.98 -5.07 -26.22
CA LEU A 223 11.07 -5.94 -25.41
C LEU A 223 11.08 -7.35 -25.98
N THR A 224 12.03 -8.18 -25.54
CA THR A 224 12.15 -9.58 -26.03
C THR A 224 12.14 -10.54 -24.82
N ALA A 225 10.97 -10.66 -24.19
CA ALA A 225 10.75 -11.54 -23.02
C ALA A 225 9.25 -11.76 -22.85
N ALA A 226 8.84 -12.87 -22.23
CA ALA A 226 7.40 -13.18 -22.03
C ALA A 226 6.86 -12.41 -20.82
N GLN A 227 5.98 -11.42 -21.07
CA GLN A 227 5.39 -10.64 -20.00
C GLN A 227 4.30 -11.44 -19.27
N ASN A 228 4.36 -11.41 -17.95
CA ASN A 228 3.28 -11.94 -17.13
C ASN A 228 2.00 -11.15 -17.40
N GLN A 229 0.86 -11.76 -17.05
CA GLN A 229 -0.42 -11.07 -17.08
C GLN A 229 -0.19 -9.74 -16.40
N HIS A 230 -0.82 -8.69 -16.91
CA HIS A 230 -0.52 -7.32 -16.51
C HIS A 230 -1.43 -7.13 -15.30
N SER A 231 -1.61 -5.88 -14.91
CA SER A 231 -2.48 -5.58 -13.78
C SER A 231 -3.91 -6.05 -14.05
N ALA A 232 -4.42 -5.80 -15.25
CA ALA A 232 -5.80 -6.15 -15.55
C ALA A 232 -5.99 -7.66 -15.63
N GLY A 233 -5.14 -8.35 -16.39
CA GLY A 233 -5.31 -9.78 -16.56
C GLY A 233 -5.20 -10.56 -15.28
N ILE A 234 -4.38 -10.10 -14.34
CA ILE A 234 -4.26 -10.76 -13.04
C ILE A 234 -5.52 -10.57 -12.22
N LEU A 235 -6.00 -9.32 -12.12
CA LEU A 235 -7.15 -9.03 -11.28
C LEU A 235 -8.42 -9.73 -11.74
N ALA A 236 -8.47 -10.19 -12.99
CA ALA A 236 -9.66 -10.87 -13.49
C ALA A 236 -9.72 -12.32 -13.01
N THR A 237 -8.57 -12.99 -12.95
CA THR A 237 -8.51 -14.40 -12.60
C THR A 237 -8.41 -14.66 -11.10
N ILE A 238 -8.42 -13.61 -10.29
CA ILE A 238 -8.25 -13.79 -8.84
C ILE A 238 -9.39 -14.63 -8.28
N VAL A 239 -9.16 -15.16 -7.08
CA VAL A 239 -10.15 -15.97 -6.37
C VAL A 239 -10.16 -15.50 -4.92
N ARG A 240 -11.22 -14.82 -4.50
CA ARG A 240 -11.33 -14.31 -3.11
C ARG A 240 -12.01 -15.36 -2.23
N GLN A 241 -11.26 -15.96 -1.29
CA GLN A 241 -11.80 -16.97 -0.39
C GLN A 241 -11.96 -16.38 1.01
N LYS A 242 -11.95 -17.24 2.04
CA LYS A 242 -12.19 -16.77 3.40
C LYS A 242 -11.06 -15.88 3.88
N TYR A 243 -9.85 -16.44 4.00
CA TYR A 243 -8.69 -15.67 4.44
C TYR A 243 -7.85 -15.26 3.23
N LYS A 244 -7.18 -14.12 3.37
CA LYS A 244 -6.33 -13.58 2.32
C LYS A 244 -4.98 -13.20 2.90
N THR A 245 -3.92 -13.48 2.16
CA THR A 245 -2.56 -13.30 2.63
C THR A 245 -1.70 -12.70 1.52
N THR A 246 -0.95 -11.65 1.85
CA THR A 246 -0.02 -11.03 0.93
C THR A 246 1.37 -10.99 1.57
N LEU A 247 2.39 -11.33 0.79
CA LEU A 247 3.77 -11.38 1.25
C LEU A 247 4.62 -10.49 0.37
N ASP A 248 5.23 -9.47 0.98
CA ASP A 248 6.09 -8.56 0.24
C ASP A 248 7.52 -9.11 0.20
N LEU A 249 8.08 -9.20 -0.99
CA LEU A 249 9.45 -9.66 -1.14
C LEU A 249 10.42 -8.49 -0.96
N ALA A 250 11.68 -8.83 -0.70
CA ALA A 250 12.70 -7.83 -0.37
C ALA A 250 13.51 -7.49 -1.63
N ASN A 251 12.85 -6.79 -2.55
CA ASN A 251 13.41 -6.44 -3.85
C ASN A 251 13.98 -7.61 -4.67
N GLY A 252 13.05 -8.49 -5.05
CA GLY A 252 13.44 -9.81 -5.56
C GLY A 252 14.38 -9.74 -6.74
N PHE A 253 14.24 -8.71 -7.57
CA PHE A 253 15.17 -8.54 -8.69
C PHE A 253 16.62 -8.44 -8.22
N TRP A 254 16.85 -8.09 -6.96
CA TRP A 254 18.20 -8.15 -6.42
C TRP A 254 18.65 -9.58 -6.14
N ALA A 255 17.79 -10.58 -6.31
CA ALA A 255 18.19 -11.96 -6.10
C ALA A 255 18.64 -12.65 -7.38
N HIS A 256 18.18 -12.17 -8.54
CA HIS A 256 18.54 -12.78 -9.82
C HIS A 256 19.85 -12.20 -10.30
N PRO A 257 20.92 -12.99 -10.42
CA PRO A 257 22.18 -12.46 -10.92
C PRO A 257 22.18 -12.37 -12.44
N ILE A 258 22.94 -11.41 -12.94
CA ILE A 258 23.11 -11.22 -14.37
C ILE A 258 24.47 -11.75 -14.79
N THR A 259 24.66 -11.96 -16.09
CA THR A 259 25.90 -12.52 -16.59
C THR A 259 27.05 -11.53 -16.43
N PRO A 260 28.22 -12.25 -16.09
CA PRO A 260 29.38 -11.35 -15.89
C PRO A 260 29.64 -10.42 -17.06
N GLU A 261 29.23 -10.79 -18.27
CA GLU A 261 29.42 -9.91 -19.41
C GLU A 261 28.53 -8.68 -19.34
N SER A 262 27.37 -8.79 -18.70
CA SER A 262 26.39 -7.70 -18.66
C SER A 262 26.61 -6.73 -17.51
N TYR A 263 27.67 -6.91 -16.72
CA TYR A 263 27.89 -6.02 -15.57
C TYR A 263 28.08 -4.58 -16.00
N TRP A 264 28.77 -4.36 -17.12
CA TRP A 264 29.10 -3.00 -17.56
C TRP A 264 27.85 -2.19 -17.92
N LEU A 265 26.76 -2.85 -18.31
CA LEU A 265 25.59 -2.13 -18.77
C LEU A 265 24.92 -1.36 -17.64
N THR A 266 24.91 -1.92 -16.43
CA THR A 266 24.20 -1.35 -15.30
C THR A 266 25.06 -0.40 -14.47
N ALA A 267 26.09 0.19 -15.06
CA ALA A 267 27.05 0.96 -14.28
C ALA A 267 26.49 2.32 -13.90
N PHE A 268 26.95 2.82 -12.75
CA PHE A 268 26.55 4.11 -12.21
C PHE A 268 27.70 4.67 -11.39
N THR A 269 27.70 5.98 -11.22
CA THR A 269 28.78 6.69 -10.53
C THR A 269 28.29 7.17 -9.18
N TRP A 270 29.00 6.77 -8.11
CA TRP A 270 28.68 7.18 -6.76
C TRP A 270 29.96 7.66 -6.08
N GLN A 271 29.95 8.92 -5.65
CA GLN A 271 31.08 9.54 -4.96
C GLN A 271 32.36 9.42 -5.79
N GLY A 272 32.24 9.74 -7.08
CA GLY A 272 33.38 9.68 -7.96
C GLY A 272 33.93 8.31 -8.23
N LYS A 273 33.18 7.26 -7.87
CA LYS A 273 33.61 5.88 -8.09
C LYS A 273 32.50 5.15 -8.82
N GLN A 274 32.86 4.39 -9.85
CA GLN A 274 31.89 3.70 -10.70
C GLN A 274 31.69 2.29 -10.20
N TYR A 275 30.43 1.88 -10.08
CA TYR A 275 30.07 0.54 -9.63
C TYR A 275 29.18 -0.13 -10.68
N CYS A 276 28.99 -1.44 -10.51
CA CYS A 276 28.16 -2.22 -11.42
C CYS A 276 27.31 -3.20 -10.62
N TRP A 277 26.21 -3.63 -11.23
CA TRP A 277 25.25 -4.52 -10.58
C TRP A 277 25.56 -5.97 -10.91
N THR A 278 25.66 -6.79 -9.87
CA THR A 278 25.75 -8.23 -10.06
C THR A 278 24.38 -8.85 -10.33
N ARG A 279 23.34 -8.28 -9.76
CA ARG A 279 21.97 -8.78 -9.88
C ARG A 279 21.13 -7.83 -10.72
N LEU A 280 19.89 -8.21 -10.95
CA LEU A 280 18.98 -7.35 -11.68
C LEU A 280 18.70 -6.08 -10.88
N PRO A 281 18.75 -4.91 -11.52
CA PRO A 281 18.45 -3.67 -10.80
C PRO A 281 17.01 -3.20 -11.01
N GLN A 282 16.49 -2.43 -10.06
CA GLN A 282 15.15 -1.88 -10.16
C GLN A 282 15.15 -0.66 -11.09
N GLY A 283 14.14 -0.46 -11.86
CA GLY A 283 14.06 0.56 -12.88
C GLY A 283 14.55 0.11 -14.25
N PHE A 284 15.12 -1.09 -14.35
CA PHE A 284 15.54 -1.65 -15.62
C PHE A 284 14.34 -2.12 -16.43
N LEU A 285 14.55 -2.30 -17.74
CA LEU A 285 13.45 -2.59 -18.64
C LEU A 285 12.89 -3.99 -18.41
N ASN A 286 13.75 -5.00 -18.34
CA ASN A 286 13.32 -6.39 -18.28
C ASN A 286 13.38 -6.99 -16.88
N SER A 287 13.82 -6.22 -15.87
CA SER A 287 13.90 -6.76 -14.52
C SER A 287 12.56 -7.22 -13.97
N PRO A 288 11.47 -6.44 -14.07
CA PRO A 288 10.18 -6.95 -13.54
C PRO A 288 9.70 -8.20 -14.25
N ALA A 289 9.91 -8.30 -15.57
CA ALA A 289 9.44 -9.46 -16.32
C ALA A 289 10.31 -10.67 -16.06
N LEU A 290 11.64 -10.51 -16.15
CA LEU A 290 12.55 -11.63 -15.92
C LEU A 290 12.41 -12.20 -14.51
N PHE A 291 12.04 -11.37 -13.54
CA PHE A 291 11.95 -11.81 -12.16
C PHE A 291 10.63 -12.52 -11.88
N THR A 292 9.52 -11.90 -12.30
CA THR A 292 8.18 -12.42 -12.08
C THR A 292 7.94 -13.78 -12.73
N ALA A 293 8.49 -13.98 -13.93
CA ALA A 293 8.29 -15.24 -14.62
C ALA A 293 8.85 -16.39 -13.81
N ASP A 294 10.02 -16.19 -13.20
CA ASP A 294 10.64 -17.22 -12.38
C ASP A 294 9.76 -17.55 -11.17
N VAL A 295 9.21 -16.50 -10.57
CA VAL A 295 8.35 -16.63 -9.40
C VAL A 295 7.07 -17.40 -9.70
N VAL A 296 6.49 -17.15 -10.87
CA VAL A 296 5.25 -17.79 -11.28
C VAL A 296 5.36 -19.32 -11.38
N ASP A 297 6.48 -19.80 -11.89
CA ASP A 297 6.67 -21.24 -12.04
C ASP A 297 6.64 -21.93 -10.69
N LEU A 298 7.28 -21.32 -9.69
CA LEU A 298 7.32 -21.86 -8.34
C LEU A 298 5.94 -21.92 -7.71
N LEU A 299 5.13 -20.89 -7.97
CA LEU A 299 3.78 -20.79 -7.42
C LEU A 299 2.73 -21.50 -8.26
N LYS A 300 3.16 -22.08 -9.38
CA LYS A 300 2.26 -22.79 -10.28
C LYS A 300 1.60 -23.97 -9.57
N GLU A 301 2.36 -24.65 -8.73
CA GLU A 301 1.87 -25.80 -7.99
C GLU A 301 0.71 -25.45 -7.05
N ILE A 302 0.76 -24.29 -6.42
CA ILE A 302 -0.29 -23.88 -5.50
C ILE A 302 -1.63 -23.75 -6.23
N PRO A 303 -2.75 -24.23 -5.54
CA PRO A 303 -4.00 -24.10 -6.30
C PRO A 303 -4.41 -22.67 -6.61
N ASN A 304 -4.29 -21.76 -5.65
CA ASN A 304 -4.65 -20.37 -5.89
C ASN A 304 -3.50 -19.43 -5.57
N VAL A 305 -3.08 -18.64 -6.56
CA VAL A 305 -2.00 -17.69 -6.37
C VAL A 305 -2.02 -16.61 -7.44
N GLN A 306 -1.35 -15.48 -7.15
CA GLN A 306 -1.25 -14.40 -8.10
C GLN A 306 -0.06 -13.56 -7.69
N VAL A 307 0.88 -13.34 -8.61
CA VAL A 307 2.06 -12.56 -8.26
C VAL A 307 2.31 -11.38 -9.18
N TYR A 308 2.41 -10.20 -8.59
CA TYR A 308 2.70 -8.99 -9.34
C TYR A 308 3.91 -8.36 -8.66
N VAL A 309 4.99 -8.21 -9.40
CA VAL A 309 6.21 -7.63 -8.84
C VAL A 309 6.65 -8.36 -7.57
N ASP A 310 6.91 -7.62 -6.50
CA ASP A 310 7.26 -8.19 -5.20
C ASP A 310 6.11 -8.92 -4.49
N ASP A 311 4.92 -8.34 -4.57
CA ASP A 311 3.74 -8.89 -3.90
C ASP A 311 3.25 -10.26 -4.36
N ILE A 312 2.77 -11.05 -3.41
CA ILE A 312 2.25 -12.39 -3.66
C ILE A 312 0.86 -12.52 -3.03
N TYR A 313 -0.05 -13.21 -3.71
CA TYR A 313 -1.41 -13.38 -3.21
C TYR A 313 -1.83 -14.84 -2.99
N LEU A 314 -2.44 -15.10 -1.83
CA LEU A 314 -2.90 -16.43 -1.47
C LEU A 314 -4.25 -16.28 -0.79
N SER A 315 -5.23 -17.06 -1.23
CA SER A 315 -6.58 -16.98 -0.69
C SER A 315 -7.19 -18.37 -0.67
N HIS A 316 -7.42 -18.91 0.53
CA HIS A 316 -8.07 -20.20 0.69
C HIS A 316 -9.22 -20.07 1.67
N ASP A 317 -10.30 -20.80 1.40
CA ASP A 317 -11.48 -20.72 2.24
C ASP A 317 -11.33 -21.55 3.51
N ASP A 318 -10.75 -22.72 3.42
CA ASP A 318 -10.59 -23.58 4.58
C ASP A 318 -9.50 -23.00 5.49
N PRO A 319 -9.78 -22.75 6.77
CA PRO A 319 -8.75 -22.18 7.65
C PRO A 319 -7.53 -23.07 7.79
N LYS A 320 -7.72 -24.39 7.83
CA LYS A 320 -6.57 -25.28 7.98
C LYS A 320 -5.76 -25.38 6.69
N GLU A 321 -6.44 -25.33 5.54
CA GLU A 321 -5.74 -25.48 4.26
C GLU A 321 -4.97 -24.22 3.89
N HIS A 322 -5.45 -23.04 4.31
CA HIS A 322 -4.71 -21.81 4.07
C HIS A 322 -3.33 -21.87 4.70
N VAL A 323 -3.23 -22.40 5.92
CA VAL A 323 -1.94 -22.50 6.59
C VAL A 323 -1.11 -23.62 5.98
N GLN A 324 -1.75 -24.71 5.54
CA GLN A 324 -1.02 -25.80 4.92
C GLN A 324 -0.36 -25.35 3.62
N GLN A 325 -1.10 -24.62 2.78
CA GLN A 325 -0.51 -24.10 1.56
C GLN A 325 0.53 -23.03 1.87
N LEU A 326 0.28 -22.22 2.90
CA LEU A 326 1.21 -21.16 3.28
C LEU A 326 2.58 -21.73 3.65
N GLU A 327 2.60 -22.85 4.38
CA GLU A 327 3.87 -23.51 4.66
C GLU A 327 4.53 -24.01 3.38
N LYS A 328 3.73 -24.50 2.43
CA LYS A 328 4.29 -24.92 1.15
C LYS A 328 4.88 -23.74 0.39
N VAL A 329 4.24 -22.56 0.51
CA VAL A 329 4.79 -21.35 -0.09
C VAL A 329 6.14 -21.01 0.54
N PHE A 330 6.23 -21.11 1.87
CA PHE A 330 7.46 -20.71 2.55
C PHE A 330 8.63 -21.59 2.16
N GLN A 331 8.40 -22.91 2.06
CA GLN A 331 9.48 -23.80 1.68
C GLN A 331 10.04 -23.45 0.31
N ILE A 332 9.15 -23.18 -0.64
CA ILE A 332 9.57 -22.78 -1.98
C ILE A 332 10.45 -21.53 -1.92
N LEU A 333 9.94 -20.48 -1.28
CA LEU A 333 10.67 -19.22 -1.23
C LEU A 333 11.98 -19.37 -0.46
N LEU A 334 11.99 -20.21 0.59
CA LEU A 334 13.22 -20.45 1.32
C LEU A 334 14.17 -21.32 0.52
N GLN A 335 13.65 -22.34 -0.18
CA GLN A 335 14.52 -23.23 -0.95
C GLN A 335 15.12 -22.51 -2.15
N ALA A 336 14.36 -21.61 -2.78
CA ALA A 336 14.90 -20.86 -3.90
C ALA A 336 15.94 -19.84 -3.45
N GLY A 337 15.77 -19.29 -2.25
CA GLY A 337 16.62 -18.22 -1.76
C GLY A 337 15.96 -16.86 -1.70
N TYR A 338 14.63 -16.80 -1.78
CA TYR A 338 13.94 -15.53 -1.68
C TYR A 338 13.80 -15.11 -0.22
N VAL A 339 13.55 -13.83 -0.02
CA VAL A 339 13.50 -13.23 1.31
C VAL A 339 12.20 -12.44 1.42
N VAL A 340 11.44 -12.71 2.50
CA VAL A 340 10.15 -12.09 2.73
C VAL A 340 10.30 -10.99 3.77
N SER A 341 9.68 -9.84 3.51
CA SER A 341 9.67 -8.71 4.43
C SER A 341 8.35 -8.72 5.19
N LEU A 342 8.42 -8.96 6.49
CA LEU A 342 7.23 -8.93 7.34
C LEU A 342 6.84 -7.51 7.73
N LYS A 343 7.55 -6.50 7.23
CA LYS A 343 7.19 -5.11 7.52
C LYS A 343 5.86 -4.76 6.88
N LYS A 344 5.66 -5.17 5.62
CA LYS A 344 4.44 -4.85 4.88
C LYS A 344 3.64 -6.10 4.52
N SER A 345 4.05 -7.27 5.01
CA SER A 345 3.30 -8.49 4.72
C SER A 345 2.04 -8.55 5.57
N GLU A 346 0.99 -9.14 4.99
CA GLU A 346 -0.28 -9.33 5.68
C GLU A 346 -0.67 -10.79 5.52
N ILE A 347 -0.92 -11.46 6.65
CA ILE A 347 -1.14 -12.90 6.68
C ILE A 347 -2.46 -13.19 7.36
N GLY A 348 -3.32 -13.93 6.68
CA GLY A 348 -4.53 -14.47 7.29
C GLY A 348 -5.53 -13.43 7.75
N GLN A 349 -5.87 -12.49 6.88
CA GLN A 349 -6.82 -11.44 7.19
C GLN A 349 -8.03 -11.56 6.27
N LYS A 350 -9.18 -11.07 6.76
CA LYS A 350 -10.39 -11.08 5.95
C LYS A 350 -10.25 -10.20 4.72
N THR A 351 -9.44 -9.15 4.81
CA THR A 351 -9.19 -8.25 3.69
C THR A 351 -7.72 -7.85 3.69
N VAL A 352 -7.17 -7.70 2.49
CA VAL A 352 -5.79 -7.25 2.29
C VAL A 352 -5.84 -5.80 1.82
N GLU A 353 -4.93 -4.99 2.34
CA GLU A 353 -4.94 -3.57 2.00
C GLU A 353 -4.44 -3.32 0.58
N PHE A 354 -3.46 -4.09 0.14
CA PHE A 354 -2.90 -3.94 -1.19
C PHE A 354 -2.57 -5.30 -1.76
N LEU A 355 -3.02 -5.55 -3.00
CA LEU A 355 -2.62 -6.74 -3.76
C LEU A 355 -2.22 -6.37 -5.19
N GLY A 356 -1.05 -5.74 -5.33
CA GLY A 356 -0.63 -5.22 -6.62
C GLY A 356 -1.46 -3.99 -6.95
N PHE A 357 -2.76 -4.18 -7.10
CA PHE A 357 -3.69 -3.06 -7.23
C PHE A 357 -3.84 -2.37 -5.87
N ASN A 358 -4.23 -1.10 -5.93
CA ASN A 358 -4.36 -0.27 -4.74
C ASN A 358 -5.61 -0.59 -3.93
N ILE A 359 -6.54 -1.34 -4.50
CA ILE A 359 -7.84 -1.57 -3.89
C ILE A 359 -7.74 -2.68 -2.85
N THR A 360 -8.39 -2.47 -1.71
CA THR A 360 -8.49 -3.51 -0.69
C THR A 360 -9.53 -4.54 -1.09
N LYS A 361 -9.24 -5.81 -0.84
CA LYS A 361 -10.04 -6.91 -1.34
C LYS A 361 -10.80 -7.56 -0.18
N GLU A 362 -12.13 -7.48 -0.24
CA GLU A 362 -12.99 -8.04 0.79
C GLU A 362 -14.05 -8.93 0.15
N GLY A 363 -14.49 -9.94 0.89
CA GLY A 363 -15.52 -10.83 0.41
C GLY A 363 -14.96 -11.96 -0.44
N ARG A 364 -15.88 -12.67 -1.10
CA ARG A 364 -15.54 -13.80 -1.96
C ARG A 364 -16.09 -13.51 -3.36
N GLY A 365 -15.36 -12.72 -3.97
CA GLY A 365 -15.79 -12.38 -5.32
C GLY A 365 -14.67 -12.51 -6.33
N LEU A 366 -14.92 -13.24 -7.42
CA LEU A 366 -13.90 -13.39 -8.45
C LEU A 366 -13.59 -12.04 -9.11
N THR A 367 -14.61 -11.20 -9.27
CA THR A 367 -14.46 -9.87 -9.84
C THR A 367 -14.67 -8.82 -8.75
N ASP A 368 -13.80 -7.81 -8.74
CA ASP A 368 -13.90 -6.75 -7.75
C ASP A 368 -15.20 -5.98 -7.91
N THR A 369 -15.84 -5.66 -6.79
CA THR A 369 -17.04 -4.85 -6.76
C THR A 369 -16.78 -3.57 -6.00
N PHE A 370 -17.41 -2.48 -6.45
CA PHE A 370 -17.25 -1.19 -5.81
C PHE A 370 -18.51 -0.38 -6.03
N LYS A 371 -18.77 0.55 -5.11
CA LYS A 371 -19.96 1.39 -5.16
C LYS A 371 -19.98 2.24 -6.42
N THR A 372 -21.05 2.11 -7.21
CA THR A 372 -21.21 2.92 -8.41
C THR A 372 -21.46 4.38 -8.05
N LYS A 373 -22.44 4.63 -7.19
CA LYS A 373 -22.95 5.98 -6.97
C LYS A 373 -21.86 6.94 -6.53
N LEU A 374 -21.98 8.19 -6.95
CA LEU A 374 -21.11 9.23 -6.47
C LEU A 374 -21.38 9.50 -5.00
N LEU A 375 -20.42 10.12 -4.35
CA LEU A 375 -20.51 10.43 -2.93
C LEU A 375 -20.75 11.92 -2.72
N ASN A 376 -21.16 12.26 -1.51
CA ASN A 376 -21.46 13.65 -1.19
C ASN A 376 -20.19 14.48 -1.13
N ILE A 377 -20.36 15.80 -1.18
CA ILE A 377 -19.26 16.74 -1.19
C ILE A 377 -19.46 17.71 -0.04
N THR A 378 -18.38 17.99 0.69
CA THR A 378 -18.45 18.96 1.77
C THR A 378 -18.70 20.36 1.19
N PRO A 379 -19.37 21.22 1.95
CA PRO A 379 -19.62 22.59 1.47
C PRO A 379 -18.32 23.32 1.17
N PRO A 380 -18.26 24.05 0.07
CA PRO A 380 -17.03 24.78 -0.27
C PRO A 380 -16.81 25.94 0.67
N LYS A 381 -15.55 26.23 0.96
CA LYS A 381 -15.18 27.33 1.83
C LYS A 381 -15.00 28.65 1.09
N ASP A 382 -14.81 28.62 -0.23
CA ASP A 382 -14.46 29.79 -0.99
C ASP A 382 -15.25 29.81 -2.28
N LEU A 383 -15.16 30.94 -2.99
CA LEU A 383 -15.81 31.06 -4.29
C LEU A 383 -15.14 30.16 -5.33
N LYS A 384 -13.81 30.08 -5.31
CA LYS A 384 -13.10 29.26 -6.28
C LYS A 384 -13.42 27.78 -6.13
N GLN A 385 -13.78 27.35 -4.92
CA GLN A 385 -14.17 25.97 -4.69
C GLN A 385 -15.63 25.71 -5.05
N LEU A 386 -16.45 26.76 -5.12
CA LEU A 386 -17.85 26.64 -5.55
C LEU A 386 -18.00 26.71 -7.06
N GLN A 387 -17.16 27.50 -7.73
CA GLN A 387 -17.18 27.53 -9.18
C GLN A 387 -16.71 26.20 -9.78
N SER A 388 -15.87 25.48 -9.06
CA SER A 388 -15.36 24.20 -9.55
C SER A 388 -16.47 23.16 -9.61
N ILE A 389 -17.29 23.08 -8.56
CA ILE A 389 -18.34 22.07 -8.52
C ILE A 389 -19.49 22.41 -9.47
N LEU A 390 -19.65 23.69 -9.82
CA LEU A 390 -20.71 24.06 -10.76
C LEU A 390 -20.37 23.62 -12.18
N GLY A 391 -19.17 23.98 -12.67
CA GLY A 391 -18.72 23.50 -13.96
C GLY A 391 -18.55 22.00 -14.02
N LEU A 392 -18.51 21.33 -12.87
CA LEU A 392 -18.47 19.87 -12.84
C LEU A 392 -19.83 19.29 -13.22
N LEU A 393 -20.91 19.79 -12.63
CA LEU A 393 -22.25 19.30 -12.91
C LEU A 393 -22.78 19.76 -14.26
N ASN A 394 -22.00 20.52 -15.02
CA ASN A 394 -22.48 21.10 -16.27
C ASN A 394 -22.80 20.03 -17.32
N PHE A 395 -22.31 18.80 -17.13
CA PHE A 395 -22.51 17.77 -18.14
C PHE A 395 -23.94 17.25 -18.15
N ALA A 396 -24.61 17.22 -17.00
CA ALA A 396 -25.91 16.58 -16.85
C ALA A 396 -27.07 17.46 -17.31
N ARG A 397 -26.80 18.56 -18.03
CA ARG A 397 -27.89 19.42 -18.48
C ARG A 397 -28.72 18.76 -19.57
N ASN A 398 -28.10 17.94 -20.41
CA ASN A 398 -28.75 17.43 -21.61
C ASN A 398 -29.61 16.20 -21.38
N PHE A 399 -29.69 15.70 -20.15
CA PHE A 399 -30.49 14.50 -19.92
C PHE A 399 -31.14 14.46 -18.53
N ILE A 400 -31.15 15.57 -17.80
CA ILE A 400 -31.82 15.66 -16.51
C ILE A 400 -32.89 16.74 -16.62
N PRO A 401 -34.17 16.42 -16.41
CA PRO A 401 -35.23 17.42 -16.55
C PRO A 401 -35.18 18.50 -15.48
N ASN A 402 -35.16 18.08 -14.22
CA ASN A 402 -35.20 19.04 -13.12
C ASN A 402 -33.88 19.78 -12.91
N PHE A 403 -32.93 19.58 -13.83
CA PHE A 403 -31.60 20.17 -13.67
C PHE A 403 -31.70 21.67 -13.47
N ALA A 404 -32.26 22.37 -14.47
CA ALA A 404 -32.35 23.83 -14.40
C ALA A 404 -33.09 24.31 -13.16
N GLU A 405 -33.90 23.42 -12.55
CA GLU A 405 -34.71 23.80 -11.37
C GLU A 405 -33.96 23.55 -10.06
N LEU A 406 -33.21 22.45 -9.97
CA LEU A 406 -32.51 22.12 -8.73
C LEU A 406 -31.19 22.86 -8.60
N VAL A 407 -30.57 23.24 -9.72
CA VAL A 407 -29.32 24.00 -9.69
C VAL A 407 -29.57 25.50 -9.57
N GLN A 408 -30.77 25.97 -9.91
CA GLN A 408 -31.08 27.41 -9.84
C GLN A 408 -30.79 28.04 -8.49
N PRO A 409 -31.08 27.43 -7.34
CA PRO A 409 -30.76 28.11 -6.07
C PRO A 409 -29.29 28.42 -5.89
N LEU A 410 -28.39 27.53 -6.30
CA LEU A 410 -26.97 27.76 -6.12
C LEU A 410 -26.48 28.93 -6.96
N TYR A 411 -27.04 29.08 -8.17
CA TYR A 411 -26.72 30.23 -9.01
C TYR A 411 -27.13 31.54 -8.34
N ASN A 412 -28.27 31.54 -7.65
CA ASN A 412 -28.72 32.76 -7.00
C ASN A 412 -27.86 33.13 -5.80
N LEU A 413 -27.17 32.14 -5.21
CA LEU A 413 -26.36 32.41 -4.03
C LEU A 413 -25.05 33.12 -4.38
N ILE A 414 -24.59 33.02 -5.63
CA ILE A 414 -23.26 33.53 -5.95
C ILE A 414 -23.27 35.05 -6.04
N ALA A 415 -24.29 35.62 -6.67
CA ALA A 415 -24.40 37.08 -6.80
C ALA A 415 -25.04 37.71 -5.59
N SER A 416 -25.43 36.92 -4.58
CA SER A 416 -26.10 37.45 -3.40
C SER A 416 -25.21 38.44 -2.67
N ALA A 417 -24.01 38.00 -2.28
CA ALA A 417 -23.10 38.83 -1.51
C ALA A 417 -22.33 39.80 -2.40
N LYS A 418 -21.77 39.31 -3.50
CA LYS A 418 -20.92 40.07 -4.41
C LYS A 418 -19.65 40.58 -3.72
N GLY A 419 -19.33 40.07 -2.54
CA GLY A 419 -18.17 40.52 -1.79
C GLY A 419 -17.00 39.56 -1.74
N LYS A 420 -16.93 38.59 -2.67
CA LYS A 420 -15.90 37.55 -2.76
C LYS A 420 -15.96 36.57 -1.59
N TYR A 421 -16.82 36.84 -0.61
CA TYR A 421 -17.13 35.89 0.44
C TYR A 421 -18.57 35.41 0.24
N ILE A 422 -18.78 34.10 0.37
CA ILE A 422 -20.07 33.50 0.09
C ILE A 422 -20.62 32.86 1.36
N GLU A 423 -21.91 33.07 1.60
CA GLU A 423 -22.60 32.48 2.74
C GLU A 423 -23.38 31.26 2.27
N TRP A 424 -23.19 30.14 2.95
CA TRP A 424 -23.79 28.86 2.56
C TRP A 424 -24.83 28.46 3.60
N SER A 425 -26.07 28.24 3.15
CA SER A 425 -27.15 27.83 4.04
C SER A 425 -27.18 26.31 4.16
N GLU A 426 -27.62 25.83 5.33
CA GLU A 426 -27.68 24.39 5.57
C GLU A 426 -28.63 23.70 4.61
N GLU A 427 -29.69 24.39 4.18
CA GLU A 427 -30.60 23.80 3.20
C GLU A 427 -29.93 23.61 1.85
N ASN A 428 -29.03 24.53 1.48
CA ASN A 428 -28.29 24.37 0.24
C ASN A 428 -27.46 23.10 0.26
N THR A 429 -26.86 22.78 1.42
CA THR A 429 -26.18 21.50 1.57
C THR A 429 -27.12 20.34 1.31
N LYS A 430 -28.37 20.47 1.77
CA LYS A 430 -29.37 19.44 1.48
C LYS A 430 -29.77 19.46 0.02
N GLN A 431 -29.90 20.65 -0.57
CA GLN A 431 -30.17 20.75 -2.00
C GLN A 431 -29.08 20.06 -2.81
N LEU A 432 -27.81 20.32 -2.45
CA LEU A 432 -26.71 19.64 -3.11
C LEU A 432 -26.82 18.14 -2.96
N ASN A 433 -27.19 17.68 -1.75
CA ASN A 433 -27.41 16.26 -1.54
C ASN A 433 -28.54 15.73 -2.42
N MET A 434 -29.53 16.58 -2.73
CA MET A 434 -30.60 16.16 -3.64
C MET A 434 -30.07 16.02 -5.07
N VAL A 435 -29.21 16.95 -5.49
CA VAL A 435 -28.62 16.89 -6.83
C VAL A 435 -27.91 15.55 -7.03
N ILE A 436 -27.23 15.07 -5.99
CA ILE A 436 -26.54 13.80 -6.09
C ILE A 436 -27.53 12.65 -6.17
N GLU A 437 -28.57 12.68 -5.32
CA GLU A 437 -29.55 11.60 -5.31
C GLU A 437 -30.25 11.47 -6.65
N ALA A 438 -30.42 12.58 -7.37
CA ALA A 438 -30.93 12.50 -8.74
C ALA A 438 -29.98 11.71 -9.63
N LEU A 439 -28.67 11.90 -9.46
CA LEU A 439 -27.71 11.13 -10.24
C LEU A 439 -27.67 9.67 -9.79
N ASN A 440 -27.97 9.41 -8.52
CA ASN A 440 -27.99 8.04 -8.01
C ASN A 440 -29.20 7.27 -8.54
N THR A 441 -30.25 7.97 -8.94
CA THR A 441 -31.45 7.32 -9.47
C THR A 441 -31.16 6.75 -10.86
N ALA A 442 -31.54 5.49 -11.07
CA ALA A 442 -31.20 4.77 -12.29
C ALA A 442 -31.94 5.26 -13.52
N SER A 443 -32.75 6.33 -13.41
CA SER A 443 -33.37 6.90 -14.60
C SER A 443 -32.33 7.50 -15.52
N ASN A 444 -31.53 8.41 -14.98
CA ASN A 444 -30.46 9.11 -15.75
C ASN A 444 -29.41 8.09 -16.23
N LEU A 445 -29.39 6.89 -15.66
CA LEU A 445 -28.41 5.89 -16.05
C LEU A 445 -28.85 5.23 -17.35
N GLU A 446 -27.97 5.46 -18.30
CA GLU A 446 -28.23 4.79 -19.56
C GLU A 446 -27.88 3.30 -19.44
N GLU A 447 -28.21 2.54 -20.48
CA GLU A 447 -27.88 1.13 -20.54
C GLU A 447 -26.67 0.90 -21.42
N ARG A 448 -25.85 -0.09 -21.03
CA ARG A 448 -24.65 -0.42 -21.77
C ARG A 448 -25.02 -1.12 -23.08
N LEU A 449 -24.43 -0.66 -24.18
CA LEU A 449 -24.71 -1.23 -25.50
C LEU A 449 -23.51 -2.01 -25.99
N PRO A 450 -23.66 -3.31 -26.28
CA PRO A 450 -22.50 -4.09 -26.73
C PRO A 450 -21.93 -3.65 -28.07
N GLU A 451 -22.67 -2.85 -28.84
CA GLU A 451 -22.14 -2.39 -30.12
C GLU A 451 -21.20 -1.22 -29.96
N GLN A 452 -21.64 -0.16 -29.27
CA GLN A 452 -20.82 1.03 -29.12
C GLN A 452 -19.65 0.76 -28.19
N ARG A 453 -18.53 1.44 -28.47
CA ARG A 453 -17.34 1.30 -27.64
C ARG A 453 -17.53 2.00 -26.30
N LEU A 454 -16.70 1.60 -25.34
CA LEU A 454 -16.82 2.10 -23.97
C LEU A 454 -16.01 3.38 -23.82
N VAL A 455 -16.69 4.49 -23.51
CA VAL A 455 -16.05 5.79 -23.33
C VAL A 455 -15.97 6.08 -21.83
N ILE A 456 -14.78 6.46 -21.36
CA ILE A 456 -14.54 6.74 -19.96
C ILE A 456 -13.92 8.12 -19.84
N LYS A 457 -14.59 9.03 -19.14
CA LYS A 457 -14.07 10.36 -18.85
C LYS A 457 -13.57 10.40 -17.42
N VAL A 458 -12.31 10.78 -17.24
CA VAL A 458 -11.64 10.67 -15.95
C VAL A 458 -11.09 12.03 -15.55
N ASN A 459 -11.44 12.46 -14.34
CA ASN A 459 -10.87 13.63 -13.70
C ASN A 459 -10.75 13.32 -12.21
N THR A 460 -9.97 14.13 -11.48
CA THR A 460 -9.76 13.87 -10.06
C THR A 460 -9.70 15.18 -9.28
N SER A 461 -10.04 15.07 -8.01
CA SER A 461 -9.94 16.13 -7.00
C SER A 461 -8.80 15.80 -6.04
N PRO A 462 -8.39 16.77 -5.22
CA PRO A 462 -7.35 16.46 -4.21
C PRO A 462 -7.74 15.33 -3.26
N SER A 463 -9.03 15.07 -3.09
CA SER A 463 -9.49 14.05 -2.14
C SER A 463 -9.88 12.73 -2.80
N ALA A 464 -10.36 12.76 -4.04
CA ALA A 464 -10.81 11.55 -4.71
C ALA A 464 -10.89 11.82 -6.21
N GLY A 465 -11.14 10.75 -6.96
CA GLY A 465 -11.29 10.83 -8.40
C GLY A 465 -12.73 10.69 -8.83
N TYR A 466 -13.01 11.15 -10.05
CA TYR A 466 -14.35 11.08 -10.63
C TYR A 466 -14.24 10.42 -12.00
N VAL A 467 -14.96 9.31 -12.18
CA VAL A 467 -14.89 8.52 -13.40
C VAL A 467 -16.31 8.38 -13.96
N ARG A 468 -16.46 8.63 -15.25
CA ARG A 468 -17.75 8.60 -15.93
C ARG A 468 -17.67 7.62 -17.10
N TYR A 469 -18.41 6.52 -17.00
CA TYR A 469 -18.52 5.55 -18.08
C TYR A 469 -19.65 5.96 -19.02
N TYR A 470 -19.32 6.15 -20.29
CA TYR A 470 -20.26 6.62 -21.28
C TYR A 470 -20.42 5.60 -22.41
N ASN A 471 -21.51 5.74 -23.15
CA ASN A 471 -21.60 5.18 -24.49
C ASN A 471 -21.10 6.21 -25.49
N GLU A 472 -20.48 5.74 -26.57
CA GLU A 472 -19.78 6.64 -27.48
C GLU A 472 -20.74 7.67 -28.10
N THR A 473 -22.00 7.31 -28.28
CA THR A 473 -22.99 8.25 -28.79
C THR A 473 -24.01 8.70 -27.74
N GLY A 474 -24.16 7.95 -26.65
CA GLY A 474 -25.20 8.25 -25.69
C GLY A 474 -24.94 9.55 -24.95
N LYS A 475 -26.04 10.24 -24.62
CA LYS A 475 -25.93 11.48 -23.88
C LYS A 475 -25.86 11.23 -22.37
N LYS A 476 -26.43 10.11 -21.91
CA LYS A 476 -26.42 9.70 -20.51
C LYS A 476 -25.30 8.71 -20.24
N PRO A 477 -24.64 8.80 -19.09
CA PRO A 477 -23.62 7.80 -18.74
C PRO A 477 -24.26 6.53 -18.23
N ILE A 478 -23.64 5.40 -18.58
CA ILE A 478 -24.12 4.11 -18.10
C ILE A 478 -24.04 4.05 -16.58
N MET A 479 -22.93 4.53 -16.01
CA MET A 479 -22.71 4.50 -14.57
C MET A 479 -21.52 5.35 -14.19
N TYR A 480 -21.70 6.24 -13.22
CA TYR A 480 -20.59 6.99 -12.69
C TYR A 480 -19.79 6.12 -11.71
N LEU A 481 -18.54 6.52 -11.48
CA LEU A 481 -17.69 5.80 -10.54
C LEU A 481 -16.80 6.79 -9.81
N ASN A 482 -16.82 6.74 -8.49
CA ASN A 482 -16.06 7.63 -7.63
C ASN A 482 -15.18 6.79 -6.72
N TYR A 483 -13.87 6.93 -6.86
CA TYR A 483 -12.91 6.09 -6.14
C TYR A 483 -12.39 6.78 -4.90
N VAL A 484 -12.23 6.02 -3.82
CA VAL A 484 -11.77 6.53 -2.53
C VAL A 484 -10.25 6.50 -2.50
N PHE A 485 -9.65 7.65 -2.22
CA PHE A 485 -8.20 7.75 -2.13
C PHE A 485 -7.70 7.20 -0.80
N SER A 486 -6.68 6.36 -0.85
CA SER A 486 -6.05 5.89 0.36
C SER A 486 -5.17 6.99 0.97
N LYS A 487 -4.70 6.75 2.19
CA LYS A 487 -3.89 7.73 2.88
C LYS A 487 -2.55 7.95 2.17
N ALA A 488 -2.06 6.93 1.45
CA ALA A 488 -0.83 7.08 0.69
C ALA A 488 -1.07 7.77 -0.64
N GLU A 489 -2.24 7.55 -1.26
CA GLU A 489 -2.50 8.18 -2.55
C GLU A 489 -2.78 9.67 -2.40
N LEU A 490 -3.29 10.10 -1.26
CA LEU A 490 -3.49 11.52 -1.04
C LEU A 490 -2.17 12.28 -1.10
N LYS A 491 -1.06 11.59 -0.77
CA LYS A 491 0.26 12.20 -0.86
C LYS A 491 0.70 12.38 -2.31
N PHE A 492 0.14 11.63 -3.24
CA PHE A 492 0.57 11.68 -4.63
C PHE A 492 0.35 13.08 -5.21
N SER A 493 1.12 13.39 -6.25
CA SER A 493 0.89 14.61 -7.00
C SER A 493 -0.42 14.49 -7.80
N MET A 494 -0.92 15.64 -8.26
CA MET A 494 -2.22 15.66 -8.92
C MET A 494 -2.23 14.79 -10.16
N LEU A 495 -1.13 14.78 -10.92
CA LEU A 495 -1.06 13.95 -12.11
C LEU A 495 -1.15 12.47 -11.76
N GLU A 496 -0.51 12.07 -10.66
CA GLU A 496 -0.56 10.66 -10.26
C GLU A 496 -1.91 10.29 -9.68
N LYS A 497 -2.64 11.25 -9.11
CA LYS A 497 -3.99 10.96 -8.62
C LYS A 497 -4.92 10.64 -9.79
N LEU A 498 -4.68 11.23 -10.96
CA LEU A 498 -5.43 10.85 -12.15
C LEU A 498 -5.08 9.43 -12.60
N LEU A 499 -3.80 9.08 -12.57
CA LEU A 499 -3.35 7.79 -13.07
C LEU A 499 -3.87 6.65 -12.19
N THR A 500 -3.74 6.78 -10.88
CA THR A 500 -4.31 5.78 -9.99
C THR A 500 -5.83 5.75 -10.08
N THR A 501 -6.45 6.88 -10.46
CA THR A 501 -7.88 6.88 -10.70
C THR A 501 -8.20 6.10 -11.97
N MET A 502 -7.43 6.30 -13.03
CA MET A 502 -7.62 5.52 -14.25
C MET A 502 -7.39 4.05 -13.99
N HIS A 503 -6.40 3.72 -13.15
CA HIS A 503 -6.14 2.33 -12.82
C HIS A 503 -7.37 1.67 -12.21
N LYS A 504 -8.01 2.35 -11.25
CA LYS A 504 -9.22 1.81 -10.65
C LYS A 504 -10.41 1.85 -11.60
N ALA A 505 -10.34 2.65 -12.67
CA ALA A 505 -11.46 2.78 -13.59
C ALA A 505 -11.42 1.75 -14.71
N LEU A 506 -10.23 1.40 -15.20
CA LEU A 506 -10.10 0.38 -16.23
C LEU A 506 -10.37 -1.02 -15.69
N ILE A 507 -10.30 -1.19 -14.36
CA ILE A 507 -10.66 -2.48 -13.76
C ILE A 507 -12.13 -2.78 -14.00
N LYS A 508 -13.00 -1.86 -13.56
CA LYS A 508 -14.44 -2.07 -13.74
C LYS A 508 -14.83 -2.01 -15.20
N ALA A 509 -14.04 -1.33 -16.04
CA ALA A 509 -14.32 -1.28 -17.47
C ALA A 509 -14.20 -2.64 -18.13
N MET A 510 -13.29 -3.49 -17.63
CA MET A 510 -13.16 -4.83 -18.19
C MET A 510 -14.47 -5.61 -18.06
N ASP A 511 -15.20 -5.40 -16.97
CA ASP A 511 -16.49 -6.06 -16.80
C ASP A 511 -17.50 -5.56 -17.82
N LEU A 512 -17.45 -4.26 -18.15
CA LEU A 512 -18.39 -3.64 -19.08
C LEU A 512 -17.90 -3.64 -20.51
N ALA A 513 -16.63 -3.97 -20.75
CA ALA A 513 -16.09 -3.93 -22.11
C ALA A 513 -16.81 -4.94 -23.01
N MET A 514 -16.84 -6.21 -22.61
CA MET A 514 -17.50 -7.28 -23.35
C MET A 514 -16.95 -7.38 -24.77
N GLY A 515 -15.62 -7.36 -24.88
CA GLY A 515 -14.96 -7.49 -26.15
C GLY A 515 -14.95 -6.25 -27.00
N GLN A 516 -15.20 -5.08 -26.42
CA GLN A 516 -15.22 -3.82 -27.13
C GLN A 516 -14.02 -2.96 -26.75
N GLU A 517 -13.45 -2.30 -27.77
CA GLU A 517 -12.36 -1.39 -27.50
C GLU A 517 -12.81 -0.27 -26.57
N ILE A 518 -11.88 0.24 -25.77
CA ILE A 518 -12.16 1.26 -24.76
C ILE A 518 -11.37 2.52 -25.11
N LEU A 519 -12.06 3.64 -25.18
CA LEU A 519 -11.44 4.94 -25.40
C LEU A 519 -11.60 5.78 -24.13
N VAL A 520 -10.50 6.34 -23.66
CA VAL A 520 -10.49 7.09 -22.41
C VAL A 520 -10.15 8.54 -22.74
N TYR A 521 -10.97 9.45 -22.24
CA TYR A 521 -10.72 10.88 -22.37
C TYR A 521 -10.24 11.42 -21.03
N SER A 522 -9.27 12.33 -21.10
CA SER A 522 -8.56 12.78 -19.91
C SER A 522 -8.04 14.19 -20.14
N PRO A 523 -7.88 14.98 -19.08
CA PRO A 523 -7.30 16.32 -19.24
C PRO A 523 -5.84 16.34 -19.65
N ILE A 524 -5.24 15.19 -19.91
CA ILE A 524 -3.83 15.12 -20.27
C ILE A 524 -3.72 15.20 -21.79
N VAL A 525 -2.77 16.00 -22.28
CA VAL A 525 -2.71 16.28 -23.71
C VAL A 525 -1.98 15.17 -24.45
N SER A 526 -0.84 14.73 -23.93
CA SER A 526 0.02 13.77 -24.62
C SER A 526 0.40 12.68 -23.63
N MET A 527 0.13 11.43 -24.01
CA MET A 527 0.56 10.29 -23.18
C MET A 527 2.08 10.13 -23.23
N THR A 528 2.68 10.37 -24.39
CA THR A 528 4.12 10.23 -24.51
C THR A 528 4.85 11.24 -23.62
N LYS A 529 4.31 12.45 -23.52
CA LYS A 529 4.91 13.46 -22.64
C LYS A 529 4.81 13.07 -21.17
N ILE A 530 3.85 12.21 -20.80
CA ILE A 530 3.69 11.82 -19.41
C ILE A 530 4.77 10.83 -18.99
N GLN A 531 5.15 9.93 -19.89
CA GLN A 531 6.28 9.05 -19.61
C GLN A 531 7.55 9.87 -19.38
N LYS A 532 7.69 10.99 -20.07
CA LYS A 532 8.84 11.87 -19.91
C LYS A 532 8.67 12.86 -18.76
N THR A 533 7.65 12.70 -17.93
CA THR A 533 7.49 13.56 -16.77
C THR A 533 8.68 13.36 -15.84
N PRO A 534 9.33 14.44 -15.38
CA PRO A 534 10.55 14.31 -14.59
C PRO A 534 10.34 13.42 -13.37
N LEU A 535 11.44 12.77 -12.94
CA LEU A 535 11.35 11.83 -11.83
C LEU A 535 11.06 12.50 -10.49
N PRO A 536 11.78 13.57 -10.09
CA PRO A 536 11.51 14.15 -8.75
C PRO A 536 10.09 14.68 -8.58
N GLU A 537 9.31 14.78 -9.65
CA GLU A 537 7.92 15.18 -9.53
C GLU A 537 6.98 14.01 -9.26
N ARG A 538 7.43 12.79 -9.51
CA ARG A 538 6.64 11.60 -9.22
C ARG A 538 6.74 11.29 -7.73
N LYS A 539 5.61 11.38 -7.02
CA LYS A 539 5.57 11.10 -5.59
C LYS A 539 4.80 9.81 -5.30
N ALA A 540 4.84 8.87 -6.24
CA ALA A 540 4.31 7.53 -6.05
C ALA A 540 5.41 6.51 -6.30
N LEU A 541 5.17 5.28 -5.88
CA LEU A 541 6.16 4.23 -6.06
C LEU A 541 6.34 3.91 -7.54
N PRO A 542 7.53 3.42 -7.92
CA PRO A 542 7.69 2.97 -9.31
C PRO A 542 6.76 1.84 -9.69
N ILE A 543 6.36 1.02 -8.71
CA ILE A 543 5.39 -0.04 -8.97
C ILE A 543 4.08 0.56 -9.48
N ARG A 544 3.70 1.72 -8.94
CA ARG A 544 2.52 2.42 -9.46
C ARG A 544 2.70 2.79 -10.93
N TRP A 545 3.81 3.45 -11.27
CA TRP A 545 4.00 3.93 -12.63
C TRP A 545 4.13 2.79 -13.62
N ILE A 546 4.87 1.73 -13.26
CA ILE A 546 4.95 0.54 -14.11
C ILE A 546 3.55 -0.04 -14.31
N THR A 547 2.81 -0.22 -13.23
CA THR A 547 1.44 -0.68 -13.34
C THR A 547 0.61 0.25 -14.23
N TRP A 548 0.91 1.56 -14.18
CA TRP A 548 0.19 2.51 -15.01
C TRP A 548 0.66 2.45 -16.47
N MET A 549 1.97 2.36 -16.69
CA MET A 549 2.47 2.40 -18.05
C MET A 549 2.15 1.12 -18.81
N THR A 550 1.97 0.00 -18.11
CA THR A 550 1.72 -1.27 -18.78
C THR A 550 0.38 -1.29 -19.51
N TYR A 551 -0.50 -0.33 -19.26
CA TYR A 551 -1.81 -0.29 -19.91
C TYR A 551 -1.76 0.37 -21.28
N LEU A 552 -0.78 1.23 -21.55
CA LEU A 552 -0.69 1.90 -22.83
C LEU A 552 -0.49 0.89 -23.96
N GLU A 553 0.26 -0.18 -23.71
CA GLU A 553 0.65 -1.12 -24.75
C GLU A 553 -0.53 -1.87 -25.35
N ASP A 554 -1.70 -1.82 -24.71
CA ASP A 554 -2.85 -2.57 -25.21
C ASP A 554 -3.49 -1.84 -26.37
N PRO A 555 -3.60 -2.45 -27.55
CA PRO A 555 -4.29 -1.77 -28.67
C PRO A 555 -5.77 -1.59 -28.44
N ARG A 556 -6.38 -2.37 -27.54
CA ARG A 556 -7.81 -2.25 -27.27
C ARG A 556 -8.13 -0.91 -26.60
N ILE A 557 -7.19 -0.36 -25.85
CA ILE A 557 -7.39 0.87 -25.10
C ILE A 557 -6.63 2.00 -25.78
N GLN A 558 -7.32 3.12 -25.94
CA GLN A 558 -6.75 4.35 -26.57
C GLN A 558 -7.07 5.53 -25.65
N PHE A 559 -6.12 6.47 -25.53
CA PHE A 559 -6.31 7.62 -24.65
C PHE A 559 -6.34 8.90 -25.47
N HIS A 560 -7.37 9.70 -25.25
CA HIS A 560 -7.58 10.96 -25.96
C HIS A 560 -7.61 12.13 -24.98
N TYR A 561 -7.03 13.25 -25.40
CA TYR A 561 -7.12 14.48 -24.62
C TYR A 561 -8.49 15.10 -24.77
N ASP A 562 -9.05 15.56 -23.66
CA ASP A 562 -10.39 16.16 -23.65
C ASP A 562 -10.29 17.57 -23.09
N LYS A 563 -10.76 18.54 -23.87
CA LYS A 563 -10.69 19.94 -23.47
C LYS A 563 -11.85 20.35 -22.57
N THR A 564 -13.03 19.76 -22.78
CA THR A 564 -14.20 20.15 -22.00
C THR A 564 -14.09 19.74 -20.53
N LEU A 565 -13.11 18.91 -20.18
CA LEU A 565 -12.94 18.52 -18.79
C LEU A 565 -12.48 19.72 -17.98
N PRO A 566 -13.15 20.07 -16.89
CA PRO A 566 -12.79 21.27 -16.14
C PRO A 566 -11.65 21.01 -15.16
N GLU A 567 -11.18 22.08 -14.51
CA GLU A 567 -10.17 21.94 -13.48
C GLU A 567 -10.85 21.60 -12.16
N LEU A 568 -10.40 20.51 -11.52
CA LEU A 568 -10.96 20.03 -10.27
C LEU A 568 -9.93 20.07 -9.14
N LYS A 569 -9.04 21.06 -9.15
CA LYS A 569 -8.08 21.19 -8.07
C LYS A 569 -8.70 21.81 -6.83
N HIS A 570 -9.64 22.74 -7.02
CA HIS A 570 -10.32 23.38 -5.92
C HIS A 570 -11.61 22.66 -5.54
N ILE A 571 -11.84 21.47 -6.04
CA ILE A 571 -13.02 20.70 -5.62
C ILE A 571 -12.90 20.40 -4.13
N PRO A 572 -13.92 20.69 -3.33
CA PRO A 572 -13.84 20.42 -1.89
C PRO A 572 -13.71 18.93 -1.59
N ASP A 573 -13.58 18.60 -0.32
CA ASP A 573 -13.39 17.21 0.08
C ASP A 573 -14.67 16.40 -0.11
N VAL A 574 -14.51 15.21 -0.67
CA VAL A 574 -15.64 14.30 -0.82
C VAL A 574 -16.09 13.82 0.55
N TYR A 575 -17.41 13.86 0.77
CA TYR A 575 -18.00 13.47 2.08
C TYR A 575 -18.09 11.93 2.18
N THR A 576 -17.25 11.35 3.04
CA THR A 576 -17.24 9.88 3.28
C THR A 576 -17.94 9.61 4.62
N SER A 577 -18.91 8.69 4.64
CA SER A 577 -19.66 8.41 5.86
C SER A 577 -19.28 7.03 6.37
N SER A 578 -18.64 6.99 7.55
CA SER A 578 -18.36 5.74 8.22
C SER A 578 -19.50 5.28 9.12
N GLN A 579 -20.58 6.05 9.19
CA GLN A 579 -21.73 5.71 10.02
C GLN A 579 -22.85 5.02 9.25
N SER A 580 -22.94 5.22 7.93
CA SER A 580 -23.95 4.52 7.16
C SER A 580 -23.82 3.00 7.25
N PRO A 581 -22.63 2.40 7.20
CA PRO A 581 -22.52 0.97 7.51
C PRO A 581 -22.56 0.75 9.02
N VAL A 582 -23.46 -0.15 9.44
CA VAL A 582 -23.61 -0.51 10.85
C VAL A 582 -23.09 -1.92 11.04
N LYS A 583 -22.26 -2.12 12.07
CA LYS A 583 -21.64 -3.40 12.35
C LYS A 583 -22.08 -3.91 13.71
N HIS A 584 -22.06 -5.24 13.87
CA HIS A 584 -22.53 -5.85 15.09
C HIS A 584 -21.58 -5.54 16.25
N PRO A 585 -22.10 -5.41 17.47
CA PRO A 585 -21.24 -5.06 18.61
C PRO A 585 -20.30 -6.18 19.03
N SER A 586 -20.56 -7.43 18.63
CA SER A 586 -19.72 -8.53 19.05
C SER A 586 -18.40 -8.57 18.28
N GLN A 587 -18.42 -8.17 17.00
CA GLN A 587 -17.21 -8.25 16.19
C GLN A 587 -16.20 -7.15 16.54
N TYR A 588 -16.65 -6.06 17.16
CA TYR A 588 -15.72 -5.01 17.54
C TYR A 588 -14.77 -5.49 18.63
N GLU A 589 -13.51 -5.05 18.53
CA GLU A 589 -12.54 -5.42 19.56
C GLU A 589 -12.83 -4.70 20.87
N GLY A 590 -13.32 -3.47 20.80
CA GLY A 590 -13.64 -2.71 22.00
C GLY A 590 -14.98 -2.00 21.93
N VAL A 591 -15.69 -1.96 23.05
CA VAL A 591 -16.98 -1.29 23.15
C VAL A 591 -16.89 -0.27 24.28
N PHE A 592 -17.25 0.98 23.99
CA PHE A 592 -17.16 2.07 24.94
C PHE A 592 -18.55 2.64 25.20
N TYR A 593 -19.04 2.46 26.41
CA TYR A 593 -20.30 3.07 26.83
C TYR A 593 -20.01 4.39 27.53
N THR A 594 -20.75 5.43 27.15
CA THR A 594 -20.55 6.76 27.74
C THR A 594 -21.90 7.30 28.21
N ASP A 595 -21.81 8.31 29.07
CA ASP A 595 -22.98 8.99 29.62
C ASP A 595 -22.49 10.23 30.37
N GLY A 596 -23.44 11.07 30.77
CA GLY A 596 -23.15 12.27 31.52
C GLY A 596 -24.37 12.89 32.15
N SER A 597 -24.24 13.31 33.40
CA SER A 597 -25.34 13.87 34.16
C SER A 597 -24.96 15.23 34.69
N ALA A 598 -25.97 15.98 35.15
CA ALA A 598 -25.73 17.32 35.70
C ALA A 598 -26.95 17.69 36.56
N ILE A 599 -26.82 17.47 37.86
CA ILE A 599 -27.83 17.87 38.83
C ILE A 599 -27.61 19.35 39.15
N LYS A 600 -28.45 19.91 40.01
CA LYS A 600 -28.31 21.29 40.41
C LYS A 600 -27.19 21.42 41.43
N SER A 601 -26.33 22.42 41.24
CA SER A 601 -25.17 22.57 42.12
C SER A 601 -25.62 23.00 43.52
N PRO A 602 -24.96 22.51 44.57
CA PRO A 602 -25.26 23.03 45.90
C PRO A 602 -24.86 24.49 46.06
N ASP A 603 -23.71 24.88 45.53
CA ASP A 603 -23.30 26.27 45.63
C ASP A 603 -24.13 27.12 44.67
N PRO A 604 -24.63 28.28 45.11
CA PRO A 604 -25.42 29.13 44.21
C PRO A 604 -24.57 29.80 43.14
N THR A 605 -23.26 29.93 43.35
CA THR A 605 -22.41 30.62 42.38
C THR A 605 -22.14 29.75 41.16
N LYS A 606 -21.76 28.49 41.38
CA LYS A 606 -21.51 27.59 40.26
C LYS A 606 -22.81 27.29 39.52
N SER A 607 -23.91 27.09 40.25
CA SER A 607 -25.24 26.88 39.69
C SER A 607 -25.35 25.60 38.87
N ASN A 608 -24.23 24.91 38.66
CA ASN A 608 -24.24 23.66 37.91
C ASN A 608 -23.12 22.76 38.40
N ASN A 609 -23.24 21.48 38.06
CA ASN A 609 -22.22 20.48 38.37
C ASN A 609 -22.45 19.31 37.42
N ALA A 610 -21.36 18.69 36.96
CA ALA A 610 -21.44 17.67 35.93
C ALA A 610 -20.63 16.44 36.33
N GLY A 611 -20.97 15.32 35.69
CA GLY A 611 -20.28 14.06 35.91
C GLY A 611 -20.52 13.08 34.79
N MET A 612 -19.44 12.58 34.18
CA MET A 612 -19.51 11.68 33.04
C MET A 612 -19.05 10.28 33.45
N GLY A 613 -19.38 9.31 32.61
CA GLY A 613 -19.03 7.93 32.88
C GLY A 613 -18.58 7.19 31.64
N ILE A 614 -17.53 6.39 31.76
CA ILE A 614 -16.95 5.68 30.63
C ILE A 614 -16.74 4.22 31.03
N VAL A 615 -17.09 3.30 30.13
CA VAL A 615 -16.96 1.86 30.37
C VAL A 615 -16.30 1.23 29.16
N HIS A 616 -15.26 0.45 29.40
CA HIS A 616 -14.58 -0.32 28.34
C HIS A 616 -15.06 -1.76 28.44
N ALA A 617 -15.78 -2.22 27.42
CA ALA A 617 -16.34 -3.56 27.38
C ALA A 617 -15.84 -4.30 26.16
N THR A 618 -15.60 -5.60 26.33
CA THR A 618 -15.17 -6.48 25.24
C THR A 618 -16.16 -7.62 25.12
N TYR A 619 -16.60 -7.89 23.90
CA TYR A 619 -17.57 -8.94 23.62
C TYR A 619 -16.96 -10.11 22.86
N LYS A 620 -15.62 -10.17 22.74
CA LYS A 620 -15.02 -11.24 21.94
C LYS A 620 -15.30 -12.58 22.62
N PRO A 621 -14.80 -12.88 23.83
CA PRO A 621 -15.26 -14.09 24.52
C PRO A 621 -16.63 -14.17 25.19
N GLU A 622 -16.90 -13.23 26.09
CA GLU A 622 -18.22 -12.98 26.66
C GLU A 622 -18.32 -11.50 27.01
N TYR A 623 -19.48 -11.09 27.51
CA TYR A 623 -19.68 -9.71 27.95
C TYR A 623 -18.81 -9.45 29.18
N GLN A 624 -17.73 -8.70 28.99
CA GLN A 624 -16.81 -8.38 30.06
C GLN A 624 -16.45 -6.91 30.00
N VAL A 625 -16.03 -6.37 31.14
CA VAL A 625 -15.64 -4.97 31.26
C VAL A 625 -14.19 -4.91 31.72
N LEU A 626 -13.36 -4.13 31.02
CA LEU A 626 -11.96 -4.03 31.38
C LEU A 626 -11.75 -3.05 32.52
N ASN A 627 -12.16 -1.79 32.32
CA ASN A 627 -12.02 -0.77 33.35
C ASN A 627 -13.27 0.11 33.36
N GLN A 628 -13.45 0.81 34.48
CA GLN A 628 -14.54 1.75 34.66
C GLN A 628 -13.97 3.12 34.99
N TRP A 629 -14.77 4.16 34.74
CA TRP A 629 -14.35 5.53 34.99
C TRP A 629 -15.54 6.36 35.41
N SER A 630 -15.36 7.19 36.45
CA SER A 630 -16.41 8.06 36.99
C SER A 630 -15.76 9.38 37.37
N ILE A 631 -16.04 10.43 36.60
CA ILE A 631 -15.32 11.70 36.77
C ILE A 631 -16.29 12.86 36.94
N PRO A 632 -16.10 13.72 37.95
CA PRO A 632 -16.88 14.96 38.01
C PRO A 632 -16.24 16.05 37.19
N LEU A 633 -17.08 16.86 36.54
CA LEU A 633 -16.63 17.85 35.57
C LEU A 633 -16.94 19.28 35.99
N GLY A 634 -17.47 19.50 37.19
CA GLY A 634 -17.77 20.85 37.60
C GLY A 634 -19.01 21.40 36.89
N ASN A 635 -19.15 22.72 36.93
CA ASN A 635 -20.33 23.39 36.38
C ASN A 635 -20.26 23.36 34.85
N HIS A 636 -21.02 22.45 34.25
CA HIS A 636 -21.08 22.32 32.80
C HIS A 636 -22.45 21.77 32.41
N THR A 637 -22.66 21.63 31.11
CA THR A 637 -23.92 21.12 30.58
C THR A 637 -24.01 19.60 30.78
N ALA A 638 -25.23 19.12 31.05
CA ALA A 638 -25.43 17.67 31.10
C ALA A 638 -25.06 17.02 29.78
N GLN A 639 -25.36 17.68 28.67
CA GLN A 639 -24.92 17.18 27.37
C GLN A 639 -23.41 17.36 27.20
N MET A 640 -22.85 18.43 27.77
CA MET A 640 -21.39 18.56 27.80
C MET A 640 -20.77 17.40 28.55
N ALA A 641 -21.37 17.00 29.68
CA ALA A 641 -20.95 15.79 30.36
C ALA A 641 -21.09 14.57 29.46
N GLU A 642 -22.11 14.56 28.61
CA GLU A 642 -22.23 13.53 27.59
C GLU A 642 -21.39 13.83 26.36
N ILE A 643 -20.95 15.07 26.19
CA ILE A 643 -20.02 15.42 25.13
C ILE A 643 -18.59 15.04 25.52
N ALA A 644 -18.15 15.49 26.70
CA ALA A 644 -16.81 15.17 27.15
C ALA A 644 -16.64 13.69 27.47
N ALA A 645 -17.75 12.95 27.63
CA ALA A 645 -17.65 11.53 27.95
C ALA A 645 -17.07 10.74 26.79
N VAL A 646 -17.24 11.20 25.56
CA VAL A 646 -16.74 10.46 24.41
C VAL A 646 -15.35 10.92 24.01
N GLU A 647 -14.99 12.18 24.27
CA GLU A 647 -13.63 12.65 24.02
C GLU A 647 -12.63 11.81 24.81
N PHE A 648 -12.96 11.49 26.06
CA PHE A 648 -12.15 10.56 26.85
C PHE A 648 -12.16 9.17 26.21
N ALA A 649 -13.33 8.72 25.76
CA ALA A 649 -13.42 7.38 25.19
C ALA A 649 -12.69 7.27 23.85
N CYS A 650 -12.71 8.34 23.06
CA CYS A 650 -12.02 8.32 21.77
C CYS A 650 -10.52 8.12 21.94
N LYS A 651 -9.93 8.83 22.90
CA LYS A 651 -8.49 8.74 23.11
C LYS A 651 -8.08 7.33 23.51
N LYS A 652 -8.77 6.76 24.50
CA LYS A 652 -8.41 5.44 25.00
C LYS A 652 -8.47 4.36 23.93
N ALA A 653 -9.16 4.63 22.81
CA ALA A 653 -9.19 3.67 21.71
C ALA A 653 -7.92 3.72 20.87
N LEU A 654 -7.18 4.83 20.90
CA LEU A 654 -5.97 4.93 20.09
C LEU A 654 -4.93 3.89 20.50
N LYS A 655 -4.85 3.60 21.80
CA LYS A 655 -3.91 2.59 22.28
C LYS A 655 -4.26 1.19 21.81
N ILE A 656 -5.47 0.98 21.29
CA ILE A 656 -5.91 -0.32 20.83
C ILE A 656 -6.07 -0.30 19.32
N PRO A 657 -5.10 -0.81 18.56
CA PRO A 657 -5.24 -0.81 17.09
C PRO A 657 -6.25 -1.84 16.61
N GLY A 658 -7.51 -1.43 16.43
CA GLY A 658 -8.54 -2.33 15.98
C GLY A 658 -9.91 -1.67 15.93
N PRO A 659 -10.92 -2.44 15.53
CA PRO A 659 -12.28 -1.89 15.42
C PRO A 659 -12.90 -1.70 16.80
N VAL A 660 -13.35 -0.47 17.07
CA VAL A 660 -13.99 -0.12 18.34
C VAL A 660 -15.28 0.62 18.06
N LEU A 661 -16.12 0.71 19.08
CA LEU A 661 -17.43 1.33 18.97
C LEU A 661 -17.74 2.11 20.24
N VAL A 662 -18.05 3.38 20.10
CA VAL A 662 -18.41 4.25 21.22
C VAL A 662 -19.90 4.53 21.16
N ILE A 663 -20.53 4.60 22.33
CA ILE A 663 -21.97 4.72 22.44
C ILE A 663 -22.30 5.90 23.36
N THR A 664 -23.20 6.77 22.90
CA THR A 664 -23.62 7.94 23.66
C THR A 664 -25.10 7.86 23.98
N ASP A 665 -25.45 8.16 25.23
CA ASP A 665 -26.86 8.29 25.58
C ASP A 665 -27.49 9.50 24.91
N SER A 666 -26.68 10.51 24.58
CA SER A 666 -27.20 11.72 23.96
C SER A 666 -27.46 11.51 22.48
N PHE A 667 -28.54 12.12 22.00
CA PHE A 667 -28.82 12.11 20.56
C PHE A 667 -27.92 13.08 19.82
N TYR A 668 -27.65 14.25 20.41
CA TYR A 668 -26.91 15.30 19.71
C TYR A 668 -25.47 14.90 19.44
N VAL A 669 -24.88 14.10 20.32
CA VAL A 669 -23.46 13.74 20.16
C VAL A 669 -23.28 12.81 18.97
N ALA A 670 -24.06 11.73 18.93
CA ALA A 670 -23.88 10.74 17.87
C ALA A 670 -24.26 11.30 16.50
N GLU A 671 -25.35 12.07 16.44
CA GLU A 671 -25.76 12.66 15.17
C GLU A 671 -24.74 13.68 14.67
N SER A 672 -24.15 14.47 15.59
CA SER A 672 -23.17 15.47 15.18
C SER A 672 -21.90 14.81 14.65
N ALA A 673 -21.48 13.70 15.27
CA ALA A 673 -20.28 13.01 14.82
C ALA A 673 -20.47 12.37 13.45
N ASN A 674 -21.71 12.20 13.00
CA ASN A 674 -22.00 11.56 11.73
C ASN A 674 -22.12 12.56 10.58
N LYS A 675 -22.89 13.63 10.78
CA LYS A 675 -23.08 14.64 9.76
C LYS A 675 -22.35 15.95 10.05
N GLU A 676 -22.40 16.42 11.30
CA GLU A 676 -21.82 17.74 11.61
C GLU A 676 -20.30 17.70 11.59
N LEU A 677 -19.70 16.60 12.04
CA LEU A 677 -18.24 16.53 12.12
C LEU A 677 -17.56 16.71 10.77
N PRO A 678 -17.97 16.02 9.69
CA PRO A 678 -17.38 16.33 8.37
C PRO A 678 -17.61 17.77 7.95
N TYR A 679 -18.62 18.44 8.51
CA TYR A 679 -18.83 19.85 8.23
C TYR A 679 -17.92 20.72 9.09
N TRP A 680 -17.91 20.49 10.42
CA TRP A 680 -17.13 21.31 11.32
C TRP A 680 -15.64 21.32 10.96
N LYS A 681 -15.14 20.21 10.40
CA LYS A 681 -13.76 20.17 9.94
C LYS A 681 -13.51 21.25 8.89
N SER A 682 -14.25 21.18 7.78
CA SER A 682 -14.08 22.18 6.72
C SER A 682 -14.63 23.53 7.12
N ASN A 683 -15.65 23.57 7.99
CA ASN A 683 -16.20 24.84 8.45
C ASN A 683 -15.19 25.65 9.24
N GLY A 684 -14.13 25.02 9.74
CA GLY A 684 -13.21 25.72 10.62
C GLY A 684 -13.82 26.10 11.94
N PHE A 685 -14.97 25.51 12.29
CA PHE A 685 -15.67 25.79 13.55
C PHE A 685 -16.03 27.27 13.64
N VAL A 686 -16.72 27.75 12.62
CA VAL A 686 -17.05 29.16 12.45
C VAL A 686 -18.50 29.39 12.89
N ASN A 687 -18.70 30.46 13.66
CA ASN A 687 -20.04 30.84 14.18
C ASN A 687 -20.67 29.66 14.94
N ASN A 688 -20.01 29.21 16.01
CA ASN A 688 -20.51 28.08 16.82
C ASN A 688 -21.97 28.34 17.23
N LYS A 691 -19.74 27.58 23.01
CA LYS A 691 -19.33 28.00 21.64
C LYS A 691 -18.27 29.09 21.76
N PRO A 692 -18.05 29.70 22.93
CA PRO A 692 -17.05 30.76 23.11
C PRO A 692 -15.66 30.30 22.64
N LEU A 693 -15.09 29.30 23.31
CA LEU A 693 -13.77 28.77 22.96
C LEU A 693 -13.55 27.38 23.55
N LYS A 694 -14.03 27.15 24.78
CA LYS A 694 -13.92 25.82 25.38
C LYS A 694 -14.80 24.81 24.65
N HIS A 695 -15.97 25.25 24.18
CA HIS A 695 -16.87 24.39 23.42
C HIS A 695 -16.23 23.94 22.11
N ILE A 696 -15.61 24.89 21.39
CA ILE A 696 -15.01 24.57 20.11
C ILE A 696 -13.82 23.63 20.29
N SER A 697 -13.03 23.84 21.36
CA SER A 697 -11.86 23.00 21.59
C SER A 697 -12.24 21.55 21.80
N LYS A 698 -13.41 21.29 22.39
CA LYS A 698 -13.84 19.92 22.61
C LYS A 698 -14.14 19.22 21.29
N TRP A 699 -14.78 19.92 20.35
CA TRP A 699 -15.13 19.29 19.07
C TRP A 699 -13.89 19.04 18.23
N LYS A 700 -12.96 20.00 18.20
CA LYS A 700 -11.73 19.80 17.44
C LYS A 700 -10.97 18.58 17.94
N SER A 701 -10.89 18.41 19.26
CA SER A 701 -10.15 17.28 19.82
C SER A 701 -10.76 15.95 19.39
N ILE A 702 -12.08 15.89 19.28
CA ILE A 702 -12.73 14.67 18.78
C ILE A 702 -12.42 14.48 17.30
N ALA A 703 -12.41 15.57 16.54
CA ALA A 703 -12.12 15.47 15.11
C ALA A 703 -10.70 14.96 14.87
N GLU A 704 -9.74 15.50 15.60
CA GLU A 704 -8.35 15.07 15.43
C GLU A 704 -8.17 13.61 15.85
N CYS A 705 -8.83 13.20 16.93
CA CYS A 705 -8.70 11.82 17.40
C CYS A 705 -9.24 10.85 16.36
N LEU A 706 -10.34 11.19 15.71
CA LEU A 706 -10.85 10.36 14.62
C LEU A 706 -9.98 10.48 13.38
N SER A 707 -9.30 11.62 13.21
CA SER A 707 -8.39 11.77 12.10
C SER A 707 -7.21 10.81 12.21
N MET A 708 -6.71 10.60 13.42
CA MET A 708 -5.58 9.70 13.61
C MET A 708 -5.98 8.24 13.47
N LYS A 709 -7.23 7.92 13.83
CA LYS A 709 -7.73 6.55 13.74
C LYS A 709 -9.21 6.60 13.37
N PRO A 710 -9.55 6.31 12.10
CA PRO A 710 -10.96 6.30 11.69
C PRO A 710 -11.69 5.02 12.03
N ASP A 711 -11.04 4.08 12.71
CA ASP A 711 -11.62 2.77 12.97
C ASP A 711 -12.68 2.86 14.06
N ILE A 712 -12.99 4.07 14.50
CA ILE A 712 -13.92 4.33 15.58
C ILE A 712 -15.28 4.63 14.99
N THR A 713 -16.28 3.81 15.32
CA THR A 713 -17.66 4.02 14.93
C THR A 713 -18.46 4.51 16.15
N ILE A 714 -19.55 5.20 15.87
CA ILE A 714 -20.36 5.84 16.91
C ILE A 714 -21.82 5.52 16.64
N GLN A 715 -22.48 4.92 17.63
CA GLN A 715 -23.90 4.61 17.61
C GLN A 715 -24.65 5.52 18.57
N HIS A 716 -25.93 5.21 18.80
CA HIS A 716 -26.76 5.96 19.72
C HIS A 716 -27.95 5.10 20.11
N GLU A 717 -28.20 5.02 21.42
CA GLU A 717 -29.33 4.21 21.98
C GLU A 717 -29.97 4.99 23.13
N LYS A 718 -31.26 5.31 23.01
CA LYS A 718 -32.01 6.05 24.05
C LYS A 718 -31.80 5.36 25.40
N GLY A 719 -32.23 4.10 25.52
CA GLY A 719 -32.08 3.33 26.77
C GLY A 719 -32.91 3.92 27.90
N HIS A 720 -34.15 4.31 27.60
CA HIS A 720 -35.06 4.90 28.62
C HIS A 720 -35.82 3.78 29.34
N GLN A 721 -35.51 3.55 30.62
CA GLN A 721 -36.17 2.48 31.43
C GLN A 721 -36.14 1.16 30.65
N PRO A 722 -34.96 0.71 30.17
CA PRO A 722 -34.85 -0.55 29.43
C PRO A 722 -34.63 -1.75 30.36
N THR A 723 -35.68 -2.57 30.56
CA THR A 723 -35.58 -3.77 31.43
C THR A 723 -34.46 -4.64 30.84
N ASN A 724 -34.67 -5.17 29.64
CA ASN A 724 -33.67 -6.02 28.95
C ASN A 724 -33.89 -5.99 27.43
N THR A 725 -34.00 -4.78 26.86
CA THR A 725 -34.23 -4.61 25.41
C THR A 725 -33.19 -5.43 24.63
N SER A 726 -31.90 -5.09 24.80
CA SER A 726 -30.81 -5.82 24.10
C SER A 726 -29.63 -6.05 25.07
N ILE A 727 -28.70 -6.93 24.69
CA ILE A 727 -27.52 -7.25 25.54
C ILE A 727 -26.58 -6.03 25.55
N HIS A 728 -26.79 -5.11 24.60
CA HIS A 728 -25.96 -3.91 24.50
C HIS A 728 -26.37 -2.85 25.53
N THR A 729 -27.68 -2.70 25.77
CA THR A 729 -28.13 -1.67 26.69
C THR A 729 -27.76 -1.96 28.14
N GLU A 730 -27.37 -3.20 28.46
CA GLU A 730 -26.92 -3.52 29.81
C GLU A 730 -25.65 -2.77 30.15
N GLY A 731 -24.69 -2.76 29.22
CA GLY A 731 -23.46 -2.01 29.45
C GLY A 731 -23.68 -0.52 29.51
N ASN A 732 -24.66 -0.01 28.76
CA ASN A 732 -24.95 1.42 28.82
C ASN A 732 -25.63 1.80 30.13
N ALA A 733 -26.38 0.88 30.73
CA ALA A 733 -26.94 1.13 32.05
C ALA A 733 -25.86 1.31 33.09
N LEU A 734 -24.73 0.60 32.93
CA LEU A 734 -23.62 0.74 33.85
C LEU A 734 -22.91 2.08 33.65
N ALA A 735 -22.77 2.53 32.40
CA ALA A 735 -22.11 3.80 32.13
C ALA A 735 -22.91 4.96 32.68
N ASP A 736 -24.24 4.91 32.57
CA ASP A 736 -25.07 5.95 33.15
C ASP A 736 -24.96 5.97 34.67
N LYS A 737 -24.77 4.80 35.28
CA LYS A 737 -24.54 4.75 36.71
C LYS A 737 -23.26 5.48 37.08
N LEU A 738 -22.19 5.24 36.33
CA LEU A 738 -20.92 5.91 36.61
C LEU A 738 -21.02 7.41 36.39
N ALA A 739 -21.68 7.83 35.31
CA ALA A 739 -21.84 9.25 35.06
C ALA A 739 -22.63 9.92 36.19
N THR A 740 -23.64 9.23 36.70
CA THR A 740 -24.42 9.77 37.81
C THR A 740 -23.58 9.89 39.07
N GLN A 741 -22.75 8.88 39.34
CA GLN A 741 -21.89 8.92 40.53
C GLN A 741 -20.96 10.12 40.50
N GLY A 742 -20.32 10.38 39.36
CA GLY A 742 -19.46 11.53 39.25
C GLY A 742 -20.21 12.85 39.36
N SER A 743 -21.46 12.88 38.89
CA SER A 743 -22.23 14.12 38.97
C SER A 743 -22.63 14.45 40.40
N TYR A 744 -22.67 13.45 41.28
CA TYR A 744 -23.02 13.66 42.67
C TYR A 744 -21.82 14.06 43.53
N VAL A 745 -20.61 13.85 43.04
CA VAL A 745 -19.39 14.18 43.78
C VAL A 745 -18.98 15.62 43.48
N VAL A 746 -18.76 16.41 44.54
CA VAL A 746 -18.36 17.80 44.43
C VAL A 746 -16.91 17.94 44.86
N ASN A 747 -16.19 18.84 44.21
CA ASN A 747 -14.77 19.05 44.50
C ASN A 747 -14.57 19.72 45.85
#